data_1P7H
#
_entry.id   1P7H
#
_cell.length_a   74.107
_cell.length_b   80.321
_cell.length_c   80.308
_cell.angle_alpha   71.20
_cell.angle_beta   78.97
_cell.angle_gamma   78.94
#
_symmetry.space_group_name_H-M   'P 1'
#
loop_
_entity.id
_entity.type
_entity.pdbx_description
1 polymer "5'-D(*AP*AP*TP*GP*GP*GP*GP*AP*CP*TP*TP*TP*CP*CP*A)-3'"
2 polymer "5'-D(*TP*TP*TP*GP*GP*AP*AP*AP*GP*TP*CP*CP*CP*CP*A)-3'"
3 polymer 'Nuclear factor of activated T-cells, cytoplasmic 2'
4 water water
#
loop_
_entity_poly.entity_id
_entity_poly.type
_entity_poly.pdbx_seq_one_letter_code
_entity_poly.pdbx_strand_id
1 'polydeoxyribonucleotide' (DA)(DA)(DT)(DG)(DG)(DG)(DG)(DA)(DC)(DT)(DT)(DT)(DC)(DC)(DA) A,C
2 'polydeoxyribonucleotide' (DT)(DT)(DT)(DG)(DG)(DA)(DA)(DA)(DG)(DT)(DC)(DC)(DC)(DC)(DA) B,D
3 'polypeptide(L)'
;SSVPLEWPLSSQSGSYELRIEVQPKPHHRAHYETEGSRGAVKAPTGGHPVVQLHGYMENKPLGLQIFIGTADERILKPHA
FYQVHRITGKTVTTTSYEKIVGNTKVLEIPLEPKNNMRATIDCAGILKLRNADIELRKGETDIGRKNTRVRLVFRVHIPE
SSGRIVSLQTASNPIECSQRSAHELPMVERQDTDSCLVYGGQQMILTGQNFTSESKVVFTEKTTDGQQIWEMEATVDKDK
SQPNMLFVEIPEYRNKHIRTPVKVNFYVINGKRKRSQPQHFTYHPV
;
L,M,N,O
#
# COMPACT_ATOMS: atom_id res chain seq x y z
N SER E 1 16.55 -43.98 1.70
CA SER E 1 15.46 -42.98 1.45
C SER E 1 15.54 -41.78 2.40
N SER E 2 16.27 -41.92 3.49
CA SER E 2 16.42 -40.86 4.46
C SER E 2 17.91 -40.63 4.79
N VAL E 3 18.78 -41.01 3.86
CA VAL E 3 20.22 -40.88 3.99
C VAL E 3 20.60 -39.57 4.69
N PRO E 4 21.57 -39.62 5.61
CA PRO E 4 21.97 -38.40 6.32
C PRO E 4 22.30 -37.27 5.35
N LEU E 5 21.77 -36.09 5.62
CA LEU E 5 22.02 -34.95 4.77
C LEU E 5 23.50 -34.49 4.84
N GLU E 6 24.19 -34.84 5.92
CA GLU E 6 25.60 -34.45 6.05
C GLU E 6 26.49 -35.39 5.24
N TRP E 7 25.99 -36.59 4.94
CA TRP E 7 26.73 -37.56 4.14
C TRP E 7 26.89 -36.99 2.73
N PRO E 8 28.09 -37.04 2.18
CA PRO E 8 28.38 -36.52 0.83
C PRO E 8 27.91 -37.46 -0.29
N LEU E 9 27.51 -36.89 -1.41
CA LEU E 9 27.06 -37.69 -2.54
C LEU E 9 27.57 -37.10 -3.85
N SER E 10 27.18 -37.72 -4.96
CA SER E 10 27.58 -37.27 -6.28
C SER E 10 26.33 -36.96 -7.05
N SER E 11 26.49 -36.14 -8.08
CA SER E 11 25.37 -35.74 -8.91
C SER E 11 25.08 -36.78 -9.97
N GLN E 12 26.06 -37.62 -10.26
CA GLN E 12 25.92 -38.63 -11.29
C GLN E 12 26.41 -39.98 -10.84
N SER E 13 25.69 -41.02 -11.23
CA SER E 13 26.07 -42.39 -10.90
C SER E 13 25.70 -43.29 -12.06
N GLY E 14 26.70 -43.91 -12.68
CA GLY E 14 26.42 -44.75 -13.82
C GLY E 14 25.72 -43.99 -14.92
N SER E 15 24.51 -44.43 -15.27
CA SER E 15 23.74 -43.77 -16.31
C SER E 15 22.71 -42.83 -15.73
N TYR E 16 22.76 -42.63 -14.41
CA TYR E 16 21.82 -41.73 -13.74
C TYR E 16 22.47 -40.38 -13.44
N GLU E 17 21.79 -39.29 -13.80
CA GLU E 17 22.33 -37.98 -13.46
C GLU E 17 21.24 -37.03 -12.92
N LEU E 18 21.57 -36.38 -11.81
CA LEU E 18 20.64 -35.41 -11.21
C LEU E 18 21.18 -34.05 -11.66
N ARG E 19 20.41 -33.35 -12.48
CA ARG E 19 20.87 -32.06 -12.98
C ARG E 19 19.94 -30.88 -12.71
N ILE E 20 20.55 -29.71 -12.53
CA ILE E 20 19.82 -28.49 -12.32
C ILE E 20 19.77 -27.80 -13.68
N GLU E 21 18.65 -27.97 -14.39
CA GLU E 21 18.44 -27.38 -15.70
C GLU E 21 18.42 -25.85 -15.63
N VAL E 22 17.51 -25.33 -14.82
CA VAL E 22 17.38 -23.89 -14.61
C VAL E 22 17.86 -23.54 -13.19
N GLN E 23 18.90 -22.70 -13.11
CA GLN E 23 19.47 -22.27 -11.82
C GLN E 23 18.66 -21.14 -11.23
N PRO E 24 18.94 -20.82 -9.96
CA PRO E 24 18.21 -19.73 -9.31
C PRO E 24 18.99 -18.42 -9.41
N LYS E 25 18.29 -17.30 -9.27
CA LYS E 25 18.95 -15.99 -9.32
C LYS E 25 19.98 -16.04 -8.21
N PRO E 26 21.16 -15.45 -8.42
CA PRO E 26 22.19 -15.44 -7.37
C PRO E 26 21.84 -14.61 -6.13
N HIS E 27 20.61 -14.13 -6.06
CA HIS E 27 20.19 -13.32 -4.92
C HIS E 27 18.76 -13.58 -4.50
N HIS E 28 18.57 -13.83 -3.21
CA HIS E 28 17.23 -14.05 -2.68
C HIS E 28 17.19 -13.64 -1.23
N ARG E 29 16.35 -12.66 -0.93
CA ARG E 29 16.22 -12.18 0.41
C ARG E 29 15.44 -13.19 1.23
N ALA E 30 16.12 -13.82 2.16
CA ALA E 30 15.49 -14.81 3.01
C ALA E 30 14.57 -14.02 3.92
N HIS E 31 13.47 -14.61 4.34
CA HIS E 31 12.57 -13.90 5.24
C HIS E 31 12.78 -14.37 6.67
N TYR E 32 12.27 -13.60 7.62
CA TYR E 32 12.37 -13.99 9.03
C TYR E 32 11.00 -14.50 9.45
N GLU E 33 10.93 -15.20 10.58
CA GLU E 33 9.63 -15.69 11.03
C GLU E 33 8.76 -14.50 11.43
N THR E 34 9.39 -13.47 11.98
CA THR E 34 8.64 -12.30 12.42
C THR E 34 8.07 -11.45 11.31
N GLU E 35 8.20 -11.90 10.07
CA GLU E 35 7.67 -11.15 8.93
C GLU E 35 7.00 -12.09 7.95
N GLY E 36 6.20 -11.51 7.06
CA GLY E 36 5.51 -12.35 6.10
C GLY E 36 6.47 -13.04 5.15
N SER E 37 6.32 -14.36 4.98
CA SER E 37 7.17 -15.11 4.07
C SER E 37 7.44 -14.24 2.86
N ARG E 38 8.66 -14.31 2.34
CA ARG E 38 9.01 -13.51 1.16
C ARG E 38 9.00 -14.29 -0.16
N GLY E 39 8.08 -15.25 -0.27
CA GLY E 39 7.98 -16.01 -1.51
C GLY E 39 9.00 -17.11 -1.80
N ALA E 40 8.85 -17.72 -2.96
CA ALA E 40 9.74 -18.80 -3.39
C ALA E 40 10.87 -18.32 -4.28
N VAL E 41 12.01 -18.99 -4.18
CA VAL E 41 13.20 -18.68 -4.97
C VAL E 41 12.83 -18.66 -6.45
N LYS E 42 13.37 -17.68 -7.16
CA LYS E 42 13.07 -17.56 -8.58
C LYS E 42 14.31 -17.74 -9.45
N ALA E 43 14.07 -17.92 -10.75
CA ALA E 43 15.16 -18.10 -11.71
C ALA E 43 15.50 -16.73 -12.33
N PRO E 44 16.75 -16.56 -12.78
CA PRO E 44 17.16 -15.30 -13.39
C PRO E 44 16.27 -14.94 -14.57
N THR E 45 15.72 -15.96 -15.20
CA THR E 45 14.85 -15.77 -16.36
C THR E 45 13.42 -15.50 -15.92
N GLY E 46 13.28 -14.79 -14.82
CA GLY E 46 11.95 -14.46 -14.31
C GLY E 46 11.03 -15.65 -14.08
N GLY E 47 11.59 -16.84 -13.89
CA GLY E 47 10.78 -18.01 -13.66
C GLY E 47 11.04 -18.75 -12.36
N HIS E 48 11.50 -19.99 -12.47
CA HIS E 48 11.79 -20.82 -11.31
C HIS E 48 12.89 -21.82 -11.66
N PRO E 49 13.67 -22.20 -10.65
CA PRO E 49 14.75 -23.17 -10.90
C PRO E 49 14.16 -24.49 -11.34
N VAL E 50 14.88 -25.21 -12.20
CA VAL E 50 14.42 -26.50 -12.66
C VAL E 50 15.44 -27.59 -12.40
N VAL E 51 14.94 -28.74 -11.95
CA VAL E 51 15.79 -29.88 -11.65
C VAL E 51 15.32 -31.11 -12.41
N GLN E 52 16.28 -31.87 -12.94
CA GLN E 52 15.93 -33.07 -13.69
C GLN E 52 16.84 -34.28 -13.52
N LEU E 53 16.23 -35.45 -13.37
CA LEU E 53 16.95 -36.73 -13.25
C LEU E 53 16.86 -37.36 -14.63
N HIS E 54 17.99 -37.63 -15.26
CA HIS E 54 17.95 -38.17 -16.61
C HIS E 54 17.80 -39.68 -16.80
N GLY E 55 18.90 -40.42 -16.66
CA GLY E 55 18.88 -41.86 -16.88
C GLY E 55 17.79 -42.75 -16.28
N TYR E 56 16.79 -42.19 -15.62
CA TYR E 56 15.75 -43.02 -15.03
C TYR E 56 15.01 -43.69 -16.15
N MET E 57 14.55 -44.92 -15.89
CA MET E 57 13.83 -45.68 -16.91
C MET E 57 12.61 -46.37 -16.32
N GLU E 58 12.58 -46.54 -15.00
CA GLU E 58 11.43 -47.18 -14.38
C GLU E 58 10.19 -46.33 -14.63
N ASN E 59 9.02 -46.81 -14.25
CA ASN E 59 7.81 -46.03 -14.45
C ASN E 59 7.23 -45.56 -13.13
N LYS E 60 7.96 -45.85 -12.05
CA LYS E 60 7.51 -45.46 -10.72
C LYS E 60 8.16 -44.14 -10.31
N PRO E 61 7.35 -43.07 -10.19
CA PRO E 61 7.82 -41.73 -9.79
C PRO E 61 8.65 -41.73 -8.50
N LEU E 62 9.79 -41.05 -8.54
CA LEU E 62 10.65 -40.97 -7.37
C LEU E 62 10.36 -39.70 -6.56
N GLY E 63 11.09 -39.54 -5.44
CA GLY E 63 10.90 -38.38 -4.60
C GLY E 63 12.12 -37.46 -4.53
N LEU E 64 11.94 -36.21 -4.95
CA LEU E 64 13.03 -35.24 -4.92
C LEU E 64 12.98 -34.43 -3.62
N GLN E 65 14.09 -34.44 -2.90
CA GLN E 65 14.16 -33.71 -1.64
C GLN E 65 14.85 -32.37 -1.82
N ILE E 66 14.40 -31.38 -1.05
CA ILE E 66 14.99 -30.06 -1.15
C ILE E 66 15.34 -29.48 0.19
N PHE E 67 16.56 -28.98 0.33
CA PHE E 67 16.96 -28.34 1.57
C PHE E 67 18.02 -27.28 1.34
N ILE E 68 18.28 -26.47 2.36
CA ILE E 68 19.26 -25.42 2.21
C ILE E 68 20.60 -25.82 2.80
N GLY E 69 21.65 -25.74 1.98
CA GLY E 69 22.96 -26.11 2.44
C GLY E 69 23.89 -24.93 2.49
N THR E 70 25.12 -25.17 2.98
CA THR E 70 26.09 -24.10 3.10
C THR E 70 26.74 -23.71 1.77
N ALA E 71 27.53 -22.64 1.82
CA ALA E 71 28.23 -22.15 0.65
C ALA E 71 29.42 -21.35 1.15
N ASP E 72 30.27 -22.00 1.94
CA ASP E 72 31.46 -21.36 2.47
C ASP E 72 32.70 -22.03 1.91
N GLU E 73 33.79 -22.01 2.67
CA GLU E 73 35.05 -22.62 2.26
C GLU E 73 35.05 -24.13 2.48
N ARG E 74 34.07 -24.61 3.24
CA ARG E 74 33.96 -26.02 3.56
C ARG E 74 32.97 -26.75 2.67
N ILE E 75 33.13 -28.07 2.63
CA ILE E 75 32.28 -28.95 1.84
C ILE E 75 30.84 -28.73 2.24
N LEU E 76 29.95 -28.76 1.27
CA LEU E 76 28.55 -28.52 1.53
C LEU E 76 27.94 -29.38 2.63
N LYS E 77 27.18 -28.73 3.51
CA LYS E 77 26.47 -29.38 4.61
C LYS E 77 25.22 -28.54 4.78
N PRO E 78 24.13 -29.11 5.33
CA PRO E 78 22.93 -28.28 5.49
C PRO E 78 23.22 -27.04 6.34
N HIS E 79 22.67 -25.90 5.94
CA HIS E 79 22.88 -24.65 6.65
C HIS E 79 22.05 -24.58 7.94
N ALA E 80 22.72 -24.30 9.05
CA ALA E 80 22.05 -24.24 10.35
C ALA E 80 21.29 -22.92 10.61
N PHE E 81 21.58 -21.91 9.80
CA PHE E 81 20.96 -20.60 9.93
C PHE E 81 19.86 -20.24 8.95
N TYR E 82 19.53 -21.18 8.07
CA TYR E 82 18.45 -20.99 7.11
C TYR E 82 17.79 -22.36 7.00
N GLN E 83 16.51 -22.35 6.65
CA GLN E 83 15.71 -23.55 6.50
C GLN E 83 14.85 -23.35 5.27
N VAL E 84 14.67 -24.39 4.45
CA VAL E 84 13.82 -24.26 3.27
C VAL E 84 12.44 -23.97 3.83
N HIS E 85 11.62 -23.25 3.07
CA HIS E 85 10.29 -22.88 3.50
C HIS E 85 9.26 -23.24 2.45
N ARG E 86 8.30 -24.09 2.81
CA ARG E 86 7.28 -24.53 1.86
C ARG E 86 6.39 -23.40 1.36
N ILE E 87 6.85 -22.65 0.36
CA ILE E 87 6.07 -21.55 -0.19
C ILE E 87 4.63 -21.99 -0.46
N THR E 88 3.86 -22.03 0.62
CA THR E 88 2.45 -22.44 0.64
C THR E 88 1.71 -22.25 -0.67
N GLY E 89 1.47 -23.36 -1.36
CA GLY E 89 0.78 -23.35 -2.64
C GLY E 89 -0.26 -22.26 -2.83
N LYS E 90 0.12 -21.19 -3.54
CA LYS E 90 -0.80 -20.09 -3.80
C LYS E 90 -1.43 -20.24 -5.19
N THR E 91 -0.91 -19.47 -6.14
CA THR E 91 -1.39 -19.51 -7.52
C THR E 91 -0.28 -19.95 -8.45
N VAL E 92 0.94 -19.52 -8.15
CA VAL E 92 2.09 -19.89 -8.96
C VAL E 92 2.59 -21.28 -8.57
N THR E 93 2.45 -21.62 -7.29
CA THR E 93 2.86 -22.92 -6.78
C THR E 93 2.04 -24.03 -7.41
N THR E 94 2.70 -24.87 -8.19
CA THR E 94 2.04 -25.98 -8.86
C THR E 94 2.57 -27.32 -8.34
N THR E 95 3.88 -27.36 -8.11
CA THR E 95 4.55 -28.56 -7.62
C THR E 95 4.18 -28.86 -6.18
N SER E 96 3.38 -29.90 -5.96
CA SER E 96 2.97 -30.28 -4.61
C SER E 96 4.19 -30.36 -3.68
N TYR E 97 4.02 -29.90 -2.45
CA TYR E 97 5.09 -29.90 -1.45
C TYR E 97 4.87 -30.99 -0.41
N GLU E 98 5.70 -30.98 0.63
CA GLU E 98 5.63 -31.96 1.71
C GLU E 98 6.85 -31.70 2.59
N LYS E 99 6.66 -31.50 3.89
CA LYS E 99 7.79 -31.21 4.77
C LYS E 99 8.18 -32.35 5.68
N ILE E 100 9.49 -32.52 5.86
CA ILE E 100 10.04 -33.59 6.71
C ILE E 100 11.08 -32.96 7.63
N VAL E 101 11.58 -33.73 8.59
CA VAL E 101 12.60 -33.22 9.49
C VAL E 101 13.86 -34.11 9.45
N GLY E 102 14.79 -33.80 10.35
CA GLY E 102 16.05 -34.52 10.44
C GLY E 102 17.01 -33.52 11.06
N ASN E 103 16.41 -32.57 11.78
CA ASN E 103 17.09 -31.45 12.45
C ASN E 103 17.23 -30.31 11.44
N THR E 104 16.96 -30.65 10.19
CA THR E 104 16.99 -29.75 9.06
C THR E 104 15.66 -30.01 8.38
N LYS E 105 14.95 -28.96 8.01
CA LYS E 105 13.69 -29.15 7.33
C LYS E 105 14.03 -29.46 5.88
N VAL E 106 13.25 -30.33 5.25
CA VAL E 106 13.51 -30.62 3.84
C VAL E 106 12.17 -30.83 3.13
N LEU E 107 12.03 -30.27 1.94
CA LEU E 107 10.81 -30.45 1.19
C LEU E 107 10.92 -31.73 0.40
N GLU E 108 9.85 -32.07 -0.32
CA GLU E 108 9.84 -33.25 -1.14
C GLU E 108 8.73 -33.15 -2.15
N ILE E 109 9.11 -33.00 -3.40
CA ILE E 109 8.15 -32.92 -4.49
C ILE E 109 8.35 -34.22 -5.25
N PRO E 110 7.44 -34.53 -6.19
CA PRO E 110 7.65 -35.78 -6.91
C PRO E 110 8.24 -35.57 -8.29
N LEU E 111 8.99 -36.58 -8.75
CA LEU E 111 9.59 -36.55 -10.08
C LEU E 111 8.84 -37.55 -10.94
N GLU E 112 7.74 -37.11 -11.54
CA GLU E 112 6.93 -37.96 -12.38
C GLU E 112 7.63 -38.27 -13.70
N PRO E 113 7.58 -39.53 -14.16
CA PRO E 113 8.20 -39.95 -15.41
C PRO E 113 7.48 -39.28 -16.58
N LYS E 114 6.20 -38.97 -16.37
CA LYS E 114 5.40 -38.29 -17.39
C LYS E 114 5.88 -36.85 -17.57
N ASN E 115 6.61 -36.35 -16.57
CA ASN E 115 7.13 -35.01 -16.62
C ASN E 115 8.61 -35.12 -16.95
N ASN E 116 8.94 -36.17 -17.70
CA ASN E 116 10.31 -36.44 -18.13
C ASN E 116 11.33 -36.33 -16.99
N MET E 117 10.91 -36.71 -15.79
CA MET E 117 11.76 -36.65 -14.60
C MET E 117 12.39 -35.28 -14.32
N ARG E 118 11.64 -34.23 -14.62
CA ARG E 118 12.10 -32.88 -14.38
C ARG E 118 11.01 -32.15 -13.62
N ALA E 119 11.40 -31.31 -12.67
CA ALA E 119 10.43 -30.57 -11.88
C ALA E 119 10.72 -29.07 -11.85
N THR E 120 9.65 -28.31 -11.60
CA THR E 120 9.71 -26.85 -11.51
C THR E 120 9.62 -26.46 -10.05
N ILE E 121 10.75 -26.08 -9.46
CA ILE E 121 10.77 -25.67 -8.06
C ILE E 121 10.20 -24.27 -7.89
N ASP E 122 8.92 -24.18 -7.59
CA ASP E 122 8.24 -22.91 -7.39
C ASP E 122 7.55 -22.92 -6.02
N CYS E 123 7.87 -23.92 -5.21
CA CYS E 123 7.26 -24.09 -3.90
C CYS E 123 8.31 -24.09 -2.78
N ALA E 124 9.45 -23.46 -3.01
CA ALA E 124 10.49 -23.44 -1.99
C ALA E 124 11.05 -22.06 -1.70
N GLY E 125 10.78 -21.56 -0.49
CA GLY E 125 11.29 -20.27 -0.08
C GLY E 125 12.45 -20.48 0.87
N ILE E 126 12.99 -19.39 1.39
CA ILE E 126 14.11 -19.46 2.32
C ILE E 126 13.83 -18.68 3.60
N LEU E 127 13.63 -19.40 4.70
CA LEU E 127 13.41 -18.77 5.98
C LEU E 127 14.78 -18.60 6.62
N LYS E 128 14.99 -17.46 7.26
CA LYS E 128 16.24 -17.19 7.94
C LYS E 128 15.97 -17.36 9.43
N LEU E 129 16.78 -18.14 10.12
CA LEU E 129 16.56 -18.31 11.55
C LEU E 129 17.44 -17.33 12.32
N ARG E 130 17.04 -16.98 13.53
CA ARG E 130 17.82 -16.03 14.32
C ARG E 130 19.05 -16.68 14.87
N ASN E 131 20.19 -16.04 14.67
CA ASN E 131 21.43 -16.60 15.15
C ASN E 131 21.31 -16.99 16.62
N ALA E 132 20.96 -16.02 17.46
CA ALA E 132 20.81 -16.26 18.91
C ALA E 132 19.96 -17.51 19.19
N ASP E 133 18.93 -17.73 18.39
CA ASP E 133 18.08 -18.90 18.56
C ASP E 133 18.77 -20.19 18.17
N ILE E 134 19.83 -20.10 17.38
CA ILE E 134 20.50 -21.30 16.90
C ILE E 134 21.81 -21.64 17.58
N GLU E 135 22.82 -20.82 17.31
CA GLU E 135 24.15 -20.97 17.87
C GLU E 135 24.18 -21.68 19.23
N LEU E 136 24.95 -22.76 19.30
CA LEU E 136 25.11 -23.51 20.53
C LEU E 136 23.88 -24.26 21.02
N ARG E 137 23.11 -24.80 20.09
CA ARG E 137 21.94 -25.58 20.46
C ARG E 137 22.01 -26.91 19.73
N LYS E 138 22.15 -27.99 20.50
CA LYS E 138 22.26 -29.35 19.96
C LYS E 138 23.69 -29.60 19.51
N GLY E 139 24.64 -29.01 20.23
CA GLY E 139 26.05 -29.17 19.87
C GLY E 139 26.41 -28.28 18.71
N GLU E 140 27.11 -27.17 18.98
CA GLU E 140 27.50 -26.24 17.92
C GLU E 140 28.88 -25.62 18.08
N THR E 141 29.28 -24.93 17.02
CA THR E 141 30.56 -24.24 16.93
C THR E 141 30.41 -23.22 15.81
N ASP E 142 29.40 -23.43 14.98
CA ASP E 142 29.12 -22.55 13.84
C ASP E 142 28.52 -21.22 14.28
N ILE E 143 28.83 -20.17 13.54
CA ILE E 143 28.31 -18.84 13.84
C ILE E 143 27.64 -18.23 12.61
N GLY E 144 26.54 -17.50 12.84
CA GLY E 144 25.79 -16.91 11.75
C GLY E 144 26.30 -15.64 11.11
N ARG E 145 26.92 -14.77 11.92
CA ARG E 145 27.44 -13.50 11.41
C ARG E 145 28.28 -13.68 10.14
N LYS E 146 27.89 -12.97 9.09
CA LYS E 146 28.58 -13.03 7.79
C LYS E 146 28.38 -14.35 7.04
N ASN E 147 27.58 -15.23 7.62
CA ASN E 147 27.29 -16.53 7.01
C ASN E 147 25.90 -16.39 6.38
N THR E 148 25.81 -15.58 5.33
CA THR E 148 24.53 -15.31 4.69
C THR E 148 24.40 -15.80 3.26
N ARG E 149 25.35 -16.61 2.81
CA ARG E 149 25.30 -17.15 1.45
C ARG E 149 24.95 -18.64 1.55
N VAL E 150 24.00 -19.09 0.74
CA VAL E 150 23.57 -20.48 0.76
C VAL E 150 23.47 -21.12 -0.63
N ARG E 151 23.10 -22.40 -0.62
CA ARG E 151 22.92 -23.13 -1.87
C ARG E 151 21.69 -24.00 -1.75
N LEU E 152 20.92 -24.12 -2.83
CA LEU E 152 19.74 -24.97 -2.80
C LEU E 152 20.29 -26.38 -3.00
N VAL E 153 19.98 -27.29 -2.09
CA VAL E 153 20.47 -28.67 -2.22
C VAL E 153 19.34 -29.60 -2.63
N PHE E 154 19.59 -30.44 -3.62
CA PHE E 154 18.59 -31.38 -4.11
C PHE E 154 19.14 -32.80 -4.06
N ARG E 155 18.24 -33.76 -3.94
CA ARG E 155 18.64 -35.17 -3.96
C ARG E 155 17.50 -36.13 -4.21
N VAL E 156 17.83 -37.23 -4.88
CA VAL E 156 16.88 -38.29 -5.19
C VAL E 156 17.45 -39.63 -4.74
N HIS E 157 16.57 -40.57 -4.43
CA HIS E 157 17.00 -41.89 -4.02
C HIS E 157 16.42 -42.95 -4.95
N ILE E 158 17.25 -43.46 -5.86
CA ILE E 158 16.82 -44.47 -6.82
C ILE E 158 16.99 -45.90 -6.31
N PRO E 159 15.87 -46.64 -6.22
CA PRO E 159 15.90 -48.03 -5.76
C PRO E 159 16.18 -49.00 -6.91
N GLU E 160 17.02 -50.00 -6.66
CA GLU E 160 17.33 -51.00 -7.67
C GLU E 160 17.03 -52.39 -7.10
N SER E 161 16.28 -53.18 -7.85
CA SER E 161 15.89 -54.53 -7.43
C SER E 161 17.02 -55.33 -6.80
N SER E 162 18.24 -55.07 -7.23
CA SER E 162 19.40 -55.76 -6.68
C SER E 162 19.58 -55.34 -5.23
N GLY E 163 18.56 -54.68 -4.70
CA GLY E 163 18.60 -54.22 -3.33
C GLY E 163 19.58 -53.08 -3.18
N ARG E 164 19.79 -52.35 -4.26
CA ARG E 164 20.71 -51.23 -4.21
C ARG E 164 19.99 -49.89 -4.34
N ILE E 165 20.47 -48.92 -3.59
CA ILE E 165 19.92 -47.59 -3.57
C ILE E 165 20.94 -46.62 -4.13
N VAL E 166 20.58 -45.95 -5.23
CA VAL E 166 21.50 -44.97 -5.81
C VAL E 166 21.06 -43.59 -5.32
N SER E 167 21.93 -42.93 -4.56
CA SER E 167 21.62 -41.62 -4.02
C SER E 167 22.40 -40.50 -4.70
N LEU E 168 21.67 -39.64 -5.39
CA LEU E 168 22.28 -38.53 -6.10
C LEU E 168 21.93 -37.20 -5.44
N GLN E 169 22.92 -36.30 -5.39
CA GLN E 169 22.76 -34.98 -4.82
C GLN E 169 23.33 -33.88 -5.69
N THR E 170 22.53 -32.85 -5.96
CA THR E 170 22.96 -31.73 -6.77
C THR E 170 22.73 -30.38 -6.07
N ALA E 171 23.78 -29.59 -5.93
CA ALA E 171 23.67 -28.28 -5.30
C ALA E 171 23.67 -27.14 -6.32
N SER E 172 22.79 -26.17 -6.11
CA SER E 172 22.65 -25.04 -7.00
C SER E 172 23.83 -24.09 -6.80
N ASN E 173 23.88 -23.04 -7.61
CA ASN E 173 24.93 -22.04 -7.46
C ASN E 173 24.70 -21.32 -6.13
N PRO E 174 25.76 -20.71 -5.58
CA PRO E 174 25.65 -19.98 -4.32
C PRO E 174 24.58 -18.92 -4.46
N ILE E 175 23.86 -18.67 -3.37
CA ILE E 175 22.83 -17.64 -3.37
C ILE E 175 23.09 -16.69 -2.21
N GLU E 176 22.96 -15.40 -2.48
CA GLU E 176 23.14 -14.38 -1.44
C GLU E 176 21.75 -14.12 -0.86
N CYS E 177 21.66 -14.21 0.46
CA CYS E 177 20.38 -14.03 1.15
C CYS E 177 20.19 -12.76 1.98
N SER E 178 21.28 -12.06 2.28
CA SER E 178 21.18 -10.86 3.10
C SER E 178 20.54 -9.75 2.28
N GLN E 179 19.88 -8.82 2.95
CA GLN E 179 19.24 -7.71 2.24
C GLN E 179 20.31 -6.92 1.51
N ARG E 180 20.02 -6.60 0.26
CA ARG E 180 20.95 -5.85 -0.58
C ARG E 180 21.14 -4.42 -0.05
N SER E 181 22.27 -3.81 -0.39
CA SER E 181 22.53 -2.45 0.06
C SER E 181 21.39 -1.52 -0.36
N ALA E 182 21.11 -0.54 0.50
CA ALA E 182 20.04 0.41 0.23
C ALA E 182 20.45 1.42 -0.82
N HIS E 183 19.46 2.10 -1.36
CA HIS E 183 19.69 3.09 -2.40
C HIS E 183 20.26 4.37 -1.82
N GLU E 184 21.26 4.91 -2.48
CA GLU E 184 21.85 6.18 -2.08
C GLU E 184 21.08 7.26 -2.82
N LEU E 185 21.33 8.51 -2.48
CA LEU E 185 20.65 9.63 -3.13
C LEU E 185 21.27 10.03 -4.46
N PRO E 186 20.52 9.88 -5.55
CA PRO E 186 21.08 10.27 -6.85
C PRO E 186 21.18 11.81 -6.85
N MET E 187 22.30 12.31 -7.32
CA MET E 187 22.51 13.74 -7.33
C MET E 187 22.73 14.26 -8.74
N VAL E 188 22.05 15.36 -9.08
CA VAL E 188 22.15 15.98 -10.40
C VAL E 188 22.87 17.31 -10.35
N GLU E 189 24.08 17.35 -10.89
CA GLU E 189 24.85 18.60 -10.88
C GLU E 189 24.80 19.38 -12.18
N ARG E 190 24.87 18.68 -13.30
CA ARG E 190 24.86 19.35 -14.61
C ARG E 190 23.82 18.69 -15.46
N GLN E 191 23.45 19.33 -16.56
CA GLN E 191 22.49 18.76 -17.47
C GLN E 191 22.81 19.43 -18.80
N ASP E 192 22.90 18.66 -19.86
CA ASP E 192 23.28 19.23 -21.13
C ASP E 192 22.17 19.78 -22.01
N THR E 193 20.93 19.74 -21.52
CA THR E 193 19.80 20.27 -22.23
C THR E 193 18.91 20.92 -21.18
N ASP E 194 18.37 22.10 -21.49
CA ASP E 194 17.50 22.81 -20.53
C ASP E 194 16.10 22.94 -21.10
N SER E 195 15.97 22.71 -22.39
CA SER E 195 14.67 22.81 -23.03
C SER E 195 14.70 22.15 -24.42
N CYS E 196 13.52 22.09 -25.03
CA CYS E 196 13.38 21.54 -26.36
C CYS E 196 11.90 21.65 -26.69
N LEU E 197 11.52 21.24 -27.89
CA LEU E 197 10.13 21.29 -28.33
C LEU E 197 9.23 20.29 -27.61
N VAL E 198 7.93 20.60 -27.61
CA VAL E 198 6.90 19.77 -26.99
C VAL E 198 6.98 18.32 -27.40
N TYR E 199 7.45 18.09 -28.63
CA TYR E 199 7.57 16.73 -29.12
C TYR E 199 8.52 15.96 -28.23
N GLY E 200 9.49 16.66 -27.64
CA GLY E 200 10.46 15.98 -26.81
C GLY E 200 11.17 15.01 -27.75
N GLY E 201 11.70 13.93 -27.21
CA GLY E 201 12.36 12.95 -28.05
C GLY E 201 13.88 13.05 -28.12
N GLN E 202 14.43 14.17 -27.66
CA GLN E 202 15.88 14.34 -27.69
C GLN E 202 16.52 13.62 -26.51
N GLN E 203 17.85 13.50 -26.55
CA GLN E 203 18.57 12.86 -25.49
C GLN E 203 19.13 13.95 -24.61
N MET E 204 19.12 13.71 -23.30
CA MET E 204 19.68 14.61 -22.32
C MET E 204 20.66 13.83 -21.46
N ILE E 205 21.76 14.47 -21.08
CA ILE E 205 22.72 13.80 -20.25
C ILE E 205 22.75 14.51 -18.91
N LEU E 206 22.63 13.74 -17.85
CA LEU E 206 22.65 14.27 -16.50
C LEU E 206 24.00 13.98 -15.86
N THR E 207 24.75 15.01 -15.52
CA THR E 207 26.03 14.75 -14.88
C THR E 207 25.71 14.79 -13.40
N GLY E 208 26.11 13.76 -12.67
CA GLY E 208 25.82 13.73 -11.26
C GLY E 208 26.61 12.70 -10.50
N GLN E 209 26.00 12.15 -9.45
CA GLN E 209 26.63 11.16 -8.60
C GLN E 209 25.61 10.17 -8.10
N ASN E 210 26.05 8.92 -7.94
CA ASN E 210 25.20 7.85 -7.46
C ASN E 210 24.12 7.40 -8.43
N PHE E 211 24.43 7.37 -9.72
CA PHE E 211 23.44 6.90 -10.67
C PHE E 211 23.65 5.40 -10.73
N THR E 212 22.63 4.67 -11.13
CA THR E 212 22.72 3.21 -11.25
C THR E 212 21.88 2.73 -12.43
N SER E 213 21.67 1.43 -12.47
CA SER E 213 20.88 0.79 -13.52
C SER E 213 19.41 0.87 -13.13
N GLU E 214 19.17 1.03 -11.83
CA GLU E 214 17.80 1.12 -11.33
C GLU E 214 17.34 2.58 -11.27
N SER E 215 18.25 3.52 -11.58
CA SER E 215 17.91 4.94 -11.56
C SER E 215 16.75 5.20 -12.51
N LYS E 216 15.81 6.01 -12.06
CA LYS E 216 14.66 6.36 -12.89
C LYS E 216 14.59 7.86 -13.04
N VAL E 217 13.97 8.32 -14.13
CA VAL E 217 13.84 9.74 -14.33
C VAL E 217 12.38 10.10 -14.59
N VAL E 218 11.83 10.88 -13.67
CA VAL E 218 10.44 11.32 -13.74
C VAL E 218 10.35 12.81 -14.10
N PHE E 219 9.37 13.16 -14.94
CA PHE E 219 9.13 14.53 -15.36
C PHE E 219 7.76 14.87 -14.82
N THR E 220 7.68 15.97 -14.06
CA THR E 220 6.42 16.41 -13.46
C THR E 220 6.14 17.88 -13.70
N GLU E 221 4.93 18.30 -13.31
CA GLU E 221 4.50 19.68 -13.45
C GLU E 221 3.69 20.14 -12.22
N LYS E 222 4.07 21.29 -11.68
CA LYS E 222 3.38 21.85 -10.51
C LYS E 222 2.52 23.03 -10.93
N THR E 223 1.51 23.32 -10.12
CA THR E 223 0.66 24.47 -10.36
C THR E 223 1.28 25.49 -9.41
N THR E 224 0.93 26.77 -9.56
CA THR E 224 1.49 27.81 -8.70
C THR E 224 1.29 27.43 -7.23
N ASP E 225 0.31 26.57 -6.99
CA ASP E 225 -0.03 26.10 -5.65
C ASP E 225 0.93 25.02 -5.17
N GLY E 226 0.99 23.95 -5.93
CA GLY E 226 1.87 22.83 -5.58
C GLY E 226 1.21 21.56 -6.03
N GLN E 227 -0.01 21.71 -6.53
CA GLN E 227 -0.79 20.58 -7.03
C GLN E 227 -0.06 20.03 -8.24
N GLN E 228 0.50 18.83 -8.11
CA GLN E 228 1.20 18.23 -9.24
C GLN E 228 0.12 17.78 -10.21
N ILE E 229 0.23 18.22 -11.46
CA ILE E 229 -0.76 17.89 -12.46
C ILE E 229 -0.26 17.02 -13.62
N TRP E 230 1.00 16.60 -13.54
CA TRP E 230 1.58 15.81 -14.61
C TRP E 230 2.74 14.96 -14.17
N GLU E 231 2.73 13.71 -14.61
CA GLU E 231 3.79 12.78 -14.26
C GLU E 231 4.06 11.92 -15.49
N MET E 232 5.31 11.85 -15.91
CA MET E 232 5.66 11.06 -17.08
C MET E 232 7.08 10.58 -16.91
N GLU E 233 7.31 9.28 -17.11
CA GLU E 233 8.67 8.75 -16.95
C GLU E 233 9.47 8.94 -18.22
N ALA E 234 10.76 9.15 -18.07
CA ALA E 234 11.62 9.33 -19.23
C ALA E 234 12.52 8.11 -19.41
N THR E 235 12.51 7.55 -20.61
CA THR E 235 13.34 6.38 -20.91
C THR E 235 14.84 6.66 -20.75
N VAL E 236 15.49 5.83 -19.95
CA VAL E 236 16.92 5.91 -19.68
C VAL E 236 17.66 4.93 -20.58
N ASP E 237 18.83 5.32 -21.08
CA ASP E 237 19.60 4.41 -21.92
C ASP E 237 20.55 3.66 -20.99
N LYS E 238 20.06 2.53 -20.50
CA LYS E 238 20.82 1.70 -19.59
C LYS E 238 22.10 1.25 -20.27
N ASP E 239 22.07 1.13 -21.60
CA ASP E 239 23.27 0.69 -22.30
C ASP E 239 24.38 1.74 -22.27
N LYS E 240 24.05 2.99 -21.97
CA LYS E 240 25.08 4.05 -21.92
C LYS E 240 25.24 4.70 -20.56
N SER E 241 24.15 4.81 -19.81
CA SER E 241 24.16 5.45 -18.49
C SER E 241 25.19 4.85 -17.54
N GLN E 242 25.97 5.71 -16.87
CA GLN E 242 27.01 5.30 -15.92
C GLN E 242 26.74 5.85 -14.49
N PRO E 243 27.60 5.53 -13.51
CA PRO E 243 27.31 6.06 -12.16
C PRO E 243 27.28 7.58 -12.01
N ASN E 244 27.95 8.29 -12.91
CA ASN E 244 27.96 9.74 -12.83
C ASN E 244 27.36 10.41 -14.07
N MET E 245 26.83 9.60 -14.99
CA MET E 245 26.20 10.14 -16.19
C MET E 245 24.92 9.38 -16.50
N LEU E 246 23.81 10.08 -16.57
CA LEU E 246 22.57 9.43 -16.85
C LEU E 246 22.03 9.95 -18.17
N PHE E 247 21.89 9.05 -19.15
CA PHE E 247 21.36 9.42 -20.46
C PHE E 247 19.85 9.24 -20.38
N VAL E 248 19.10 10.26 -20.80
CA VAL E 248 17.64 10.20 -20.69
C VAL E 248 16.94 10.70 -21.94
N GLU E 249 15.83 10.07 -22.32
CA GLU E 249 15.12 10.53 -23.48
C GLU E 249 14.02 11.43 -22.98
N ILE E 250 14.05 12.69 -23.41
CA ILE E 250 13.03 13.65 -22.98
C ILE E 250 11.69 13.18 -23.52
N PRO E 251 10.67 13.09 -22.65
CA PRO E 251 9.33 12.66 -23.00
C PRO E 251 8.59 13.67 -23.82
N GLU E 252 7.49 13.26 -24.45
CA GLU E 252 6.69 14.21 -25.19
C GLU E 252 5.87 14.94 -24.15
N TYR E 253 5.92 16.26 -24.15
CA TYR E 253 5.15 17.03 -23.16
C TYR E 253 3.66 16.73 -23.33
N ARG E 254 2.95 16.73 -22.21
CA ARG E 254 1.52 16.42 -22.23
C ARG E 254 0.63 17.21 -23.18
N ASN E 255 1.09 18.35 -23.68
CA ASN E 255 0.28 19.15 -24.62
C ASN E 255 1.12 19.84 -25.72
N LYS E 256 1.02 19.33 -26.93
CA LYS E 256 1.80 19.86 -28.03
C LYS E 256 1.31 21.19 -28.56
N HIS E 257 0.13 21.61 -28.10
CA HIS E 257 -0.43 22.86 -28.60
C HIS E 257 -0.09 24.13 -27.85
N ILE E 258 0.61 24.02 -26.73
CA ILE E 258 0.98 25.21 -26.00
C ILE E 258 1.54 26.27 -26.98
N ARG E 259 1.18 27.53 -26.73
CA ARG E 259 1.63 28.63 -27.56
C ARG E 259 2.68 29.44 -26.81
N THR E 260 2.94 29.04 -25.58
CA THR E 260 3.91 29.73 -24.73
C THR E 260 4.72 28.69 -23.97
N PRO E 261 6.04 28.90 -23.84
CA PRO E 261 6.84 27.93 -23.12
C PRO E 261 6.22 27.59 -21.78
N VAL E 262 6.55 26.42 -21.26
CA VAL E 262 6.05 26.00 -19.96
C VAL E 262 7.16 25.33 -19.18
N LYS E 263 7.36 25.83 -17.96
CA LYS E 263 8.38 25.30 -17.06
C LYS E 263 7.88 23.99 -16.46
N VAL E 264 8.81 23.08 -16.22
CA VAL E 264 8.47 21.79 -15.64
C VAL E 264 9.65 21.34 -14.78
N ASN E 265 9.44 20.26 -14.06
CA ASN E 265 10.46 19.69 -13.22
C ASN E 265 10.74 18.28 -13.70
N PHE E 266 11.75 17.65 -13.11
CA PHE E 266 12.08 16.24 -13.37
C PHE E 266 13.09 15.86 -12.28
N TYR E 267 13.01 14.62 -11.80
CA TYR E 267 13.97 14.16 -10.79
C TYR E 267 14.45 12.76 -11.12
N VAL E 268 15.58 12.39 -10.52
CA VAL E 268 16.14 11.06 -10.69
C VAL E 268 15.79 10.30 -9.41
N ILE E 269 15.15 9.14 -9.55
CA ILE E 269 14.85 8.37 -8.34
C ILE E 269 15.48 6.98 -8.36
N ASN E 270 16.10 6.64 -7.23
CA ASN E 270 16.73 5.35 -7.02
C ASN E 270 15.77 4.54 -6.20
N GLY E 271 15.45 3.34 -6.65
CA GLY E 271 14.51 2.54 -5.91
C GLY E 271 13.24 3.35 -5.90
N LYS E 272 12.40 3.20 -4.89
CA LYS E 272 11.16 3.95 -4.88
C LYS E 272 11.09 5.02 -3.80
N ARG E 273 12.23 5.47 -3.28
CA ARG E 273 12.20 6.50 -2.25
C ARG E 273 13.29 7.55 -2.41
N LYS E 274 14.47 7.11 -2.80
CA LYS E 274 15.62 8.00 -2.96
C LYS E 274 15.63 8.91 -4.18
N ARG E 275 14.83 9.98 -4.15
CA ARG E 275 14.82 10.89 -5.29
C ARG E 275 15.74 12.07 -5.04
N SER E 276 16.09 12.75 -6.12
CA SER E 276 16.96 13.92 -6.03
C SER E 276 16.04 15.12 -5.99
N GLN E 277 16.56 16.27 -5.57
CA GLN E 277 15.71 17.46 -5.51
C GLN E 277 15.26 17.76 -6.91
N PRO E 278 14.03 18.28 -7.06
CA PRO E 278 13.49 18.60 -8.38
C PRO E 278 14.47 19.43 -9.22
N GLN E 279 14.48 19.20 -10.52
CA GLN E 279 15.35 19.95 -11.41
C GLN E 279 14.48 20.76 -12.36
N HIS E 280 15.09 21.59 -13.17
CA HIS E 280 14.32 22.43 -14.08
C HIS E 280 14.51 22.12 -15.56
N PHE E 281 13.44 22.24 -16.30
CA PHE E 281 13.45 22.01 -17.73
C PHE E 281 12.30 22.82 -18.30
N THR E 282 12.44 23.22 -19.56
CA THR E 282 11.40 23.99 -20.22
C THR E 282 10.98 23.38 -21.55
N TYR E 283 9.68 23.37 -21.82
CA TYR E 283 9.17 22.87 -23.08
C TYR E 283 8.71 24.07 -23.94
N HIS E 284 9.18 24.13 -25.18
CA HIS E 284 8.79 25.24 -26.05
C HIS E 284 7.71 24.89 -27.07
N PRO E 285 6.89 25.87 -27.44
CA PRO E 285 5.82 25.63 -28.42
C PRO E 285 6.50 25.26 -29.72
N VAL E 286 5.78 24.51 -30.55
CA VAL E 286 6.35 24.10 -31.82
C VAL E 286 6.53 25.34 -32.70
N SER F 1 11.63 -8.36 55.48
CA SER F 1 12.08 -7.03 56.00
C SER F 1 12.76 -6.21 54.90
N SER F 2 12.91 -6.81 53.72
CA SER F 2 13.51 -6.15 52.56
C SER F 2 12.40 -5.79 51.58
N VAL F 3 12.33 -4.52 51.22
CA VAL F 3 11.33 -3.98 50.31
C VAL F 3 11.50 -4.34 48.84
N PRO F 4 10.37 -4.54 48.13
CA PRO F 4 10.39 -4.87 46.70
C PRO F 4 10.73 -3.62 45.91
N LEU F 5 11.33 -3.80 44.75
CA LEU F 5 11.72 -2.66 43.92
C LEU F 5 10.51 -1.99 43.27
N GLU F 6 9.40 -2.71 43.13
CA GLU F 6 8.21 -2.14 42.53
C GLU F 6 7.25 -1.58 43.57
N TRP F 7 7.78 -1.11 44.69
CA TRP F 7 6.93 -0.54 45.72
C TRP F 7 6.81 0.96 45.53
N PRO F 8 5.73 1.57 46.01
CA PRO F 8 5.46 3.01 45.91
C PRO F 8 6.08 3.88 47.00
N LEU F 9 7.39 3.97 47.04
CA LEU F 9 8.05 4.80 48.03
C LEU F 9 8.07 6.24 47.53
N SER F 10 8.56 7.14 48.35
CA SER F 10 8.64 8.56 47.99
C SER F 10 10.01 9.06 48.38
N SER F 11 10.38 10.23 47.88
CA SER F 11 11.68 10.78 48.19
C SER F 11 11.69 11.49 49.55
N GLN F 12 10.49 11.78 50.05
CA GLN F 12 10.40 12.48 51.31
C GLN F 12 9.45 11.85 52.32
N SER F 13 9.84 11.87 53.59
CA SER F 13 9.00 11.31 54.63
C SER F 13 8.56 12.45 55.55
N GLY F 14 9.40 12.81 56.53
CA GLY F 14 9.04 13.91 57.41
C GLY F 14 10.24 14.82 57.46
N SER F 15 11.15 14.53 58.38
CA SER F 15 12.37 15.30 58.49
C SER F 15 13.38 14.66 57.51
N TYR F 16 12.90 13.66 56.77
CA TYR F 16 13.72 12.91 55.83
C TYR F 16 13.47 13.20 54.34
N GLU F 17 14.55 13.51 53.62
CA GLU F 17 14.43 13.74 52.19
C GLU F 17 15.64 13.16 51.44
N LEU F 18 15.33 12.30 50.47
CA LEU F 18 16.36 11.73 49.63
C LEU F 18 16.33 12.61 48.39
N ARG F 19 17.48 13.21 48.06
CA ARG F 19 17.52 14.13 46.92
C ARG F 19 18.67 13.97 45.93
N ILE F 20 18.32 14.16 44.65
CA ILE F 20 19.31 14.09 43.59
C ILE F 20 19.93 15.48 43.51
N GLU F 21 21.09 15.63 44.12
CA GLU F 21 21.79 16.91 44.12
C GLU F 21 22.41 17.25 42.75
N VAL F 22 22.85 16.22 42.03
CA VAL F 22 23.45 16.41 40.70
C VAL F 22 22.90 15.38 39.74
N GLN F 23 22.02 15.82 38.84
CA GLN F 23 21.38 14.96 37.85
C GLN F 23 22.41 14.48 36.84
N PRO F 24 22.17 13.32 36.21
CA PRO F 24 23.11 12.81 35.20
C PRO F 24 22.80 13.46 33.84
N LYS F 25 23.72 13.34 32.89
CA LYS F 25 23.50 13.90 31.56
C LYS F 25 22.23 13.25 31.04
N PRO F 26 21.55 13.91 30.12
CA PRO F 26 20.32 13.33 29.57
C PRO F 26 20.59 12.22 28.57
N HIS F 27 21.88 11.92 28.32
CA HIS F 27 22.30 10.89 27.38
C HIS F 27 23.48 10.06 27.91
N HIS F 28 23.43 8.75 27.69
CA HIS F 28 24.53 7.88 28.09
C HIS F 28 24.37 6.60 27.32
N ARG F 29 25.36 6.33 26.48
CA ARG F 29 25.35 5.15 25.64
C ARG F 29 25.69 3.93 26.49
N ALA F 30 24.72 3.03 26.62
CA ALA F 30 24.92 1.82 27.40
C ALA F 30 25.77 0.81 26.64
N HIS F 31 26.49 -0.04 27.36
CA HIS F 31 27.32 -1.02 26.71
C HIS F 31 26.65 -2.39 26.75
N TYR F 32 26.89 -3.23 25.75
CA TYR F 32 26.30 -4.56 25.76
C TYR F 32 27.18 -5.56 26.50
N GLU F 33 26.65 -6.73 26.83
CA GLU F 33 27.46 -7.72 27.54
C GLU F 33 28.60 -8.16 26.63
N THR F 34 28.46 -7.91 25.34
CA THR F 34 29.48 -8.31 24.38
C THR F 34 30.61 -7.30 24.24
N GLU F 35 30.37 -6.05 24.62
CA GLU F 35 31.39 -5.02 24.54
C GLU F 35 31.98 -4.84 25.92
N GLY F 36 33.15 -4.25 25.96
CA GLY F 36 33.77 -3.98 27.24
C GLY F 36 32.96 -2.83 27.80
N SER F 37 33.03 -2.62 29.10
CA SER F 37 32.30 -1.55 29.76
C SER F 37 32.43 -0.15 29.13
N ARG F 38 31.31 0.54 28.98
CA ARG F 38 31.38 1.89 28.42
C ARG F 38 31.43 3.01 29.48
N GLY F 39 31.69 2.68 30.73
CA GLY F 39 31.81 3.73 31.73
C GLY F 39 30.64 4.10 32.61
N ALA F 40 30.94 4.93 33.60
CA ALA F 40 29.95 5.39 34.56
C ALA F 40 29.10 6.54 34.03
N VAL F 41 27.86 6.61 34.47
CA VAL F 41 26.97 7.67 34.07
C VAL F 41 27.59 8.97 34.57
N LYS F 42 27.46 10.05 33.80
CA LYS F 42 28.04 11.30 34.22
C LYS F 42 27.09 12.49 34.27
N ALA F 43 27.61 13.59 34.82
CA ALA F 43 26.84 14.82 34.94
C ALA F 43 27.26 15.69 33.75
N PRO F 44 26.38 16.56 33.26
CA PRO F 44 26.69 17.43 32.13
C PRO F 44 28.01 18.18 32.20
N THR F 45 28.69 18.11 33.33
CA THR F 45 29.95 18.83 33.49
C THR F 45 31.22 18.01 33.37
N GLY F 46 31.08 16.70 33.22
CA GLY F 46 32.26 15.87 33.15
C GLY F 46 32.42 15.15 34.47
N GLY F 47 31.69 15.64 35.48
CA GLY F 47 31.71 15.06 36.80
C GLY F 47 30.63 14.00 36.90
N HIS F 48 30.27 13.61 38.11
CA HIS F 48 29.25 12.57 38.29
C HIS F 48 28.02 13.01 39.09
N PRO F 49 26.94 12.23 38.99
CA PRO F 49 25.72 12.54 39.71
C PRO F 49 26.01 12.49 41.22
N VAL F 50 25.17 13.16 41.99
CA VAL F 50 25.35 13.19 43.45
C VAL F 50 24.01 13.03 44.15
N VAL F 51 23.97 12.17 45.16
CA VAL F 51 22.74 11.97 45.92
C VAL F 51 22.97 12.21 47.41
N GLN F 52 21.97 12.80 48.04
CA GLN F 52 22.04 13.11 49.47
C GLN F 52 20.74 12.89 50.24
N LEU F 53 20.90 12.39 51.46
CA LEU F 53 19.79 12.16 52.38
C LEU F 53 19.94 13.36 53.32
N HIS F 54 18.86 14.05 53.64
CA HIS F 54 19.03 15.22 54.48
C HIS F 54 18.81 15.21 56.00
N GLY F 55 17.58 14.96 56.46
CA GLY F 55 17.34 15.00 57.90
C GLY F 55 17.72 13.78 58.72
N TYR F 56 18.98 13.35 58.64
CA TYR F 56 19.45 12.16 59.34
C TYR F 56 20.53 12.54 60.33
N MET F 57 20.24 12.39 61.61
CA MET F 57 21.21 12.76 62.63
C MET F 57 22.04 11.65 63.23
N GLU F 58 21.67 10.39 62.98
CA GLU F 58 22.46 9.31 63.53
C GLU F 58 23.86 9.37 62.96
N ASN F 59 24.75 8.51 63.43
CA ASN F 59 26.13 8.51 62.94
C ASN F 59 26.57 7.16 62.40
N LYS F 60 25.62 6.36 61.96
CA LYS F 60 25.92 5.04 61.40
C LYS F 60 25.68 5.08 59.88
N PRO F 61 26.75 4.96 59.09
CA PRO F 61 26.62 4.98 57.64
C PRO F 61 25.50 4.06 57.16
N LEU F 62 24.72 4.54 56.20
CA LEU F 62 23.63 3.77 55.63
C LEU F 62 24.10 3.24 54.28
N GLY F 63 23.24 2.48 53.60
CA GLY F 63 23.60 1.96 52.30
C GLY F 63 22.66 2.52 51.26
N LEU F 64 23.20 3.25 50.27
CA LEU F 64 22.38 3.83 49.22
C LEU F 64 22.24 2.77 48.12
N GLN F 65 21.01 2.34 47.86
CA GLN F 65 20.74 1.33 46.84
C GLN F 65 20.61 2.01 45.49
N ILE F 66 21.21 1.42 44.46
CA ILE F 66 21.17 1.95 43.11
C ILE F 66 20.72 0.92 42.10
N PHE F 67 19.76 1.29 41.25
CA PHE F 67 19.31 0.39 40.21
C PHE F 67 18.72 1.19 39.07
N ILE F 68 18.52 0.54 37.93
CA ILE F 68 18.01 1.20 36.74
C ILE F 68 16.55 0.93 36.55
N GLY F 69 15.78 1.99 36.37
CA GLY F 69 14.35 1.81 36.19
C GLY F 69 13.77 2.42 34.94
N THR F 70 12.47 2.20 34.75
CA THR F 70 11.78 2.70 33.59
C THR F 70 11.82 4.22 33.63
N ALA F 71 11.58 4.85 32.49
CA ALA F 71 11.61 6.29 32.44
C ALA F 71 10.22 6.88 32.24
N ASP F 72 9.45 6.37 31.39
CA ASP F 72 8.20 6.99 30.96
C ASP F 72 6.97 6.14 31.33
N GLU F 73 6.22 6.09 31.67
CA GLU F 73 4.77 5.92 31.81
C GLU F 73 4.46 5.02 33.01
N ARG F 74 3.24 5.24 33.53
CA ARG F 74 2.79 4.40 34.63
C ARG F 74 3.65 4.58 35.93
N ILE F 75 3.74 3.48 36.72
CA ILE F 75 4.51 3.49 37.95
C ILE F 75 5.95 3.14 37.63
N LEU F 76 6.87 3.67 38.41
CA LEU F 76 8.28 3.39 38.20
C LEU F 76 8.60 1.98 38.67
N LYS F 77 9.30 1.22 37.83
CA LYS F 77 9.71 -0.14 38.19
C LYS F 77 11.07 -0.38 37.55
N PRO F 78 11.75 -1.46 37.94
CA PRO F 78 13.06 -1.70 37.33
C PRO F 78 12.88 -1.90 35.82
N HIS F 79 13.88 -1.47 35.05
CA HIS F 79 13.80 -1.64 33.60
C HIS F 79 14.28 -3.08 33.25
N ALA F 80 13.40 -3.89 32.67
CA ALA F 80 13.75 -5.26 32.32
C ALA F 80 14.92 -5.42 31.31
N PHE F 81 15.10 -4.41 30.45
CA PHE F 81 16.13 -4.42 29.44
C PHE F 81 17.42 -3.69 29.80
N TYR F 82 17.52 -3.19 31.02
CA TYR F 82 18.73 -2.48 31.42
C TYR F 82 19.14 -2.85 32.83
N GLN F 83 20.43 -2.76 33.09
CA GLN F 83 20.94 -3.15 34.39
C GLN F 83 22.05 -2.21 34.84
N VAL F 84 22.11 -1.92 36.13
CA VAL F 84 23.17 -1.06 36.61
C VAL F 84 24.41 -1.92 36.40
N HIS F 85 25.57 -1.28 36.35
CA HIS F 85 26.83 -1.96 36.13
C HIS F 85 27.92 -1.33 37.00
N ARG F 86 28.54 -2.15 37.85
CA ARG F 86 29.56 -1.68 38.76
C ARG F 86 30.88 -1.40 38.06
N ILE F 87 31.34 -0.15 38.16
CA ILE F 87 32.60 0.22 37.53
C ILE F 87 33.70 -0.19 38.51
N THR F 88 34.56 -1.09 38.03
CA THR F 88 35.67 -1.60 38.82
C THR F 88 36.29 -0.51 39.65
N GLY F 89 36.25 -0.68 40.98
CA GLY F 89 36.81 0.31 41.88
C GLY F 89 38.23 0.68 41.54
N LYS F 90 38.41 1.38 40.42
CA LYS F 90 39.73 1.81 39.98
C LYS F 90 40.19 2.99 40.79
N THR F 91 41.43 3.38 40.57
CA THR F 91 41.99 4.51 41.29
C THR F 91 41.04 5.70 41.16
N VAL F 92 40.49 5.90 39.97
CA VAL F 92 39.59 7.01 39.76
C VAL F 92 38.28 6.83 40.55
N THR F 93 37.54 5.74 40.31
CA THR F 93 36.28 5.52 41.03
C THR F 93 36.54 5.72 42.52
N THR F 94 35.94 6.74 43.11
CA THR F 94 36.15 7.02 44.54
C THR F 94 35.13 6.43 45.49
N THR F 95 34.03 5.91 44.97
CA THR F 95 33.01 5.35 45.84
C THR F 95 33.03 3.81 45.86
N SER F 96 32.87 3.23 47.04
CA SER F 96 32.84 1.78 47.19
C SER F 96 31.47 1.28 46.79
N TYR F 97 31.44 0.16 46.09
CA TYR F 97 30.19 -0.41 45.61
C TYR F 97 30.05 -1.82 46.14
N GLU F 98 28.94 -2.44 45.78
CA GLU F 98 28.65 -3.81 46.17
C GLU F 98 27.40 -4.13 45.39
N LYS F 99 27.40 -5.23 44.63
CA LYS F 99 26.20 -5.57 43.87
C LYS F 99 25.55 -6.87 44.33
N ILE F 100 24.25 -6.99 44.04
CA ILE F 100 23.43 -8.15 44.39
C ILE F 100 22.32 -8.26 43.35
N VAL F 101 21.32 -9.11 43.59
CA VAL F 101 20.23 -9.27 42.62
C VAL F 101 18.77 -9.20 43.12
N GLY F 102 17.86 -9.68 42.28
CA GLY F 102 16.42 -9.71 42.54
C GLY F 102 15.83 -9.63 41.15
N ASN F 103 16.41 -10.44 40.26
CA ASN F 103 16.11 -10.51 38.82
C ASN F 103 16.61 -9.22 38.15
N THR F 104 16.95 -8.22 38.96
CA THR F 104 17.48 -6.95 38.46
C THR F 104 18.56 -6.47 39.43
N LYS F 105 19.79 -6.40 38.93
CA LYS F 105 20.93 -5.98 39.74
C LYS F 105 20.73 -4.68 40.53
N VAL F 106 21.32 -4.61 41.70
CA VAL F 106 21.24 -3.44 42.56
C VAL F 106 22.61 -3.15 43.10
N LEU F 107 23.06 -1.91 42.95
CA LEU F 107 24.37 -1.57 43.45
C LEU F 107 24.14 -0.83 44.76
N GLU F 108 25.00 -1.06 45.73
CA GLU F 108 24.86 -0.38 47.01
C GLU F 108 26.18 0.27 47.39
N ILE F 109 26.10 1.54 47.80
CA ILE F 109 27.29 2.26 48.19
C ILE F 109 27.10 2.92 49.57
N PRO F 110 28.20 3.24 50.25
CA PRO F 110 28.04 3.85 51.56
C PRO F 110 27.59 5.30 51.51
N LEU F 111 26.72 5.64 52.46
CA LEU F 111 26.21 6.99 52.59
C LEU F 111 26.71 7.30 54.00
N GLU F 112 27.81 8.03 54.10
CA GLU F 112 28.38 8.32 55.40
C GLU F 112 28.20 9.73 55.94
N PRO F 113 27.81 9.85 57.22
CA PRO F 113 27.60 11.16 57.85
C PRO F 113 28.88 11.99 57.86
N LYS F 114 30.03 11.33 57.73
CA LYS F 114 31.32 11.99 57.68
C LYS F 114 31.32 12.87 56.43
N ASN F 115 30.42 12.56 55.50
CA ASN F 115 30.29 13.28 54.24
C ASN F 115 28.92 13.98 54.11
N ASN F 116 28.18 14.07 55.21
CA ASN F 116 26.85 14.69 55.20
C ASN F 116 25.84 13.84 54.48
N MET F 117 26.05 12.53 54.47
CA MET F 117 25.13 11.63 53.79
C MET F 117 24.92 12.01 52.32
N ARG F 118 26.01 12.36 51.64
CA ARG F 118 25.93 12.67 50.22
C ARG F 118 26.97 11.88 49.46
N ALA F 119 26.53 11.07 48.51
CA ALA F 119 27.46 10.26 47.74
C ALA F 119 27.59 10.68 46.29
N THR F 120 28.81 10.59 45.80
CA THR F 120 29.13 10.91 44.42
C THR F 120 29.06 9.58 43.68
N ILE F 121 28.05 9.39 42.84
CA ILE F 121 27.91 8.13 42.10
C ILE F 121 28.80 8.09 40.86
N ASP F 122 30.03 7.61 41.04
CA ASP F 122 30.99 7.50 39.95
C ASP F 122 31.36 6.04 39.73
N CYS F 123 30.52 5.13 40.20
CA CYS F 123 30.77 3.70 40.10
C CYS F 123 29.65 2.94 39.40
N ALA F 124 28.81 3.67 38.66
CA ALA F 124 27.67 3.04 37.99
C ALA F 124 27.60 3.23 36.47
N GLY F 125 27.50 2.10 35.77
CA GLY F 125 27.39 2.15 34.33
C GLY F 125 26.02 1.58 33.96
N ILE F 126 25.74 1.42 32.68
CA ILE F 126 24.47 0.86 32.30
C ILE F 126 24.70 -0.23 31.28
N LEU F 127 24.13 -1.40 31.57
CA LEU F 127 24.26 -2.57 30.73
C LEU F 127 22.96 -2.75 29.97
N LYS F 128 23.05 -2.87 28.65
CA LYS F 128 21.85 -3.10 27.87
C LYS F 128 21.74 -4.61 27.79
N LEU F 129 20.52 -5.12 27.85
CA LEU F 129 20.26 -6.55 27.80
C LEU F 129 19.56 -6.77 26.47
N ARG F 130 19.81 -7.91 25.84
CA ARG F 130 19.21 -8.21 24.55
C ARG F 130 17.70 -8.28 24.66
N ASN F 131 17.01 -7.58 23.77
CA ASN F 131 15.58 -7.60 23.79
C ASN F 131 14.97 -8.99 23.76
N ALA F 132 15.51 -9.88 22.91
CA ALA F 132 14.97 -11.22 22.80
C ALA F 132 15.23 -12.08 24.04
N ASP F 133 16.32 -11.84 24.75
CA ASP F 133 16.57 -12.61 25.95
C ASP F 133 15.44 -12.25 26.94
N ILE F 134 15.12 -10.97 27.03
CA ILE F 134 14.09 -10.56 27.97
C ILE F 134 12.68 -10.95 27.55
N GLU F 135 12.22 -10.42 26.42
CA GLU F 135 10.87 -10.70 25.92
C GLU F 135 10.54 -12.18 25.86
N LEU F 136 11.55 -13.03 26.01
CA LEU F 136 11.34 -14.48 25.94
C LEU F 136 10.91 -15.10 27.26
N ARG F 137 11.17 -14.43 28.38
CA ARG F 137 10.79 -14.97 29.68
C ARG F 137 9.27 -15.10 29.78
N LYS F 138 8.81 -16.19 30.41
CA LYS F 138 7.38 -16.45 30.56
C LYS F 138 6.63 -15.24 31.12
N GLY F 139 7.32 -14.47 31.95
CA GLY F 139 6.71 -13.29 32.53
C GLY F 139 6.30 -12.31 31.44
N GLU F 140 5.08 -11.79 31.54
CA GLU F 140 4.58 -10.85 30.55
C GLU F 140 5.20 -9.47 30.73
N THR F 141 6.42 -9.31 30.22
CA THR F 141 7.14 -8.05 30.33
C THR F 141 6.73 -7.09 29.21
N ASP F 142 7.55 -6.06 29.00
CA ASP F 142 7.29 -5.06 27.98
C ASP F 142 7.95 -5.40 26.64
N ILE F 143 8.11 -4.37 25.82
CA ILE F 143 8.73 -4.53 24.50
C ILE F 143 10.01 -3.71 24.45
N GLY F 144 11.11 -4.38 24.13
CA GLY F 144 12.39 -3.70 24.04
C GLY F 144 12.53 -2.65 22.96
N ARG F 145 12.01 -2.92 21.77
CA ARG F 145 12.13 -1.97 20.67
C ARG F 145 11.75 -0.55 21.08
N LYS F 146 12.61 0.41 20.75
CA LYS F 146 12.35 1.81 21.05
C LYS F 146 12.10 2.07 22.52
N ASN F 147 12.53 1.18 23.39
CA ASN F 147 12.33 1.38 24.82
C ASN F 147 13.71 1.63 25.41
N THR F 148 14.36 2.69 24.94
CA THR F 148 15.70 3.02 25.39
C THR F 148 15.88 4.14 26.39
N ARG F 149 14.82 4.53 27.08
CA ARG F 149 14.96 5.60 28.08
C ARG F 149 14.92 5.01 29.48
N VAL F 150 15.92 5.34 30.28
CA VAL F 150 15.97 4.84 31.64
C VAL F 150 16.04 5.97 32.65
N ARG F 151 16.18 5.57 33.91
CA ARG F 151 16.26 6.52 35.00
C ARG F 151 17.03 5.91 36.18
N LEU F 152 18.01 6.64 36.70
CA LEU F 152 18.77 6.15 37.86
C LEU F 152 17.83 6.17 39.05
N VAL F 153 17.83 5.10 39.84
CA VAL F 153 16.93 5.01 41.00
C VAL F 153 17.68 4.68 42.27
N PHE F 154 17.58 5.57 43.24
CA PHE F 154 18.26 5.41 44.52
C PHE F 154 17.24 5.10 45.62
N ARG F 155 17.70 4.33 46.61
CA ARG F 155 16.87 3.96 47.76
C ARG F 155 17.70 3.93 49.01
N VAL F 156 17.04 4.23 50.12
CA VAL F 156 17.66 4.18 51.44
C VAL F 156 16.64 3.70 52.42
N HIS F 157 17.10 2.95 53.41
CA HIS F 157 16.22 2.44 54.45
C HIS F 157 16.79 2.93 55.78
N ILE F 158 16.08 3.83 56.43
CA ILE F 158 16.55 4.35 57.71
C ILE F 158 15.99 3.57 58.89
N PRO F 159 16.87 2.92 59.66
CA PRO F 159 16.37 2.17 60.81
C PRO F 159 16.18 3.17 61.92
N GLU F 160 15.02 3.15 62.58
CA GLU F 160 14.77 4.06 63.68
C GLU F 160 14.90 3.37 65.02
N SER F 161 14.28 3.95 66.04
CA SER F 161 14.33 3.38 67.38
C SER F 161 13.23 2.34 67.55
N SER F 162 12.01 2.74 67.26
CA SER F 162 10.86 1.86 67.39
C SER F 162 11.04 0.54 66.63
N GLY F 163 12.07 0.47 65.78
CA GLY F 163 12.31 -0.74 65.01
C GLY F 163 11.72 -0.60 63.62
N ARG F 164 11.03 0.52 63.40
CA ARG F 164 10.40 0.83 62.12
C ARG F 164 11.42 1.53 61.23
N ILE F 165 11.63 0.96 60.04
CA ILE F 165 12.58 1.55 59.10
C ILE F 165 11.83 2.40 58.07
N VAL F 166 12.34 3.61 57.85
CA VAL F 166 11.73 4.53 56.90
C VAL F 166 12.42 4.29 55.56
N SER F 167 11.62 4.13 54.51
CA SER F 167 12.17 3.87 53.19
C SER F 167 11.96 5.01 52.19
N LEU F 168 13.08 5.54 51.68
CA LEU F 168 13.02 6.63 50.72
C LEU F 168 13.59 6.26 49.35
N GLN F 169 12.95 6.78 48.32
CA GLN F 169 13.37 6.51 46.97
C GLN F 169 13.26 7.72 46.05
N THR F 170 14.26 7.89 45.21
CA THR F 170 14.29 9.02 44.29
C THR F 170 14.82 8.65 42.90
N ALA F 171 14.11 9.11 41.88
CA ALA F 171 14.47 8.83 40.50
C ALA F 171 15.07 10.06 39.82
N SER F 172 16.12 9.85 39.03
CA SER F 172 16.77 10.94 38.32
C SER F 172 15.96 11.31 37.09
N ASN F 173 16.44 12.28 36.31
CA ASN F 173 15.77 12.66 35.07
C ASN F 173 15.94 11.47 34.08
N PRO F 174 15.13 11.45 33.03
CA PRO F 174 15.27 10.36 32.07
C PRO F 174 16.64 10.41 31.41
N ILE F 175 17.13 9.25 31.02
CA ILE F 175 18.41 9.15 30.33
C ILE F 175 18.19 8.37 29.05
N GLU F 176 18.54 8.98 27.93
CA GLU F 176 18.41 8.33 26.64
C GLU F 176 19.59 7.38 26.52
N CYS F 177 19.32 6.13 26.14
CA CYS F 177 20.40 5.19 26.06
C CYS F 177 20.84 4.69 24.70
N SER F 178 20.11 5.03 23.65
CA SER F 178 20.50 4.58 22.31
C SER F 178 21.73 5.36 21.85
N GLN F 179 22.49 4.77 20.92
CA GLN F 179 23.70 5.39 20.37
C GLN F 179 23.33 6.70 19.65
N ARG F 180 24.25 7.65 19.66
CA ARG F 180 23.98 8.93 19.05
C ARG F 180 24.38 9.01 17.59
N SER F 181 23.40 8.95 16.70
CA SER F 181 23.72 9.27 15.35
C SER F 181 24.66 10.39 15.74
N ALA F 182 25.80 10.54 15.06
CA ALA F 182 26.73 11.61 15.38
C ALA F 182 26.73 12.65 14.28
N HIS F 183 26.08 12.33 13.17
CA HIS F 183 26.00 13.22 12.03
C HIS F 183 24.87 12.88 11.10
N GLU F 184 24.07 13.87 10.75
CA GLU F 184 22.95 13.64 9.84
C GLU F 184 23.11 14.41 8.54
N LEU F 185 22.60 13.82 7.47
CA LEU F 185 22.65 14.38 6.14
C LEU F 185 22.09 15.79 6.07
N PRO F 186 22.96 16.79 5.80
CA PRO F 186 22.47 18.18 5.71
C PRO F 186 21.49 18.32 4.54
N MET F 187 20.53 19.22 4.67
CA MET F 187 19.53 19.44 3.63
C MET F 187 19.29 20.92 3.38
N VAL F 188 19.42 21.34 2.13
CA VAL F 188 19.19 22.73 1.79
C VAL F 188 17.82 22.85 1.17
N GLU F 189 16.91 23.53 1.88
CA GLU F 189 15.55 23.71 1.40
C GLU F 189 15.39 25.02 0.61
N ARG F 190 16.19 26.03 0.93
CA ARG F 190 16.08 27.31 0.26
C ARG F 190 17.42 28.04 0.22
N GLN F 191 17.50 29.07 -0.61
CA GLN F 191 18.68 29.91 -0.71
C GLN F 191 18.21 31.30 -1.14
N ASP F 192 18.83 32.35 -0.62
CA ASP F 192 18.42 33.71 -0.96
C ASP F 192 19.30 34.36 -2.01
N THR F 193 20.05 33.55 -2.75
CA THR F 193 20.93 34.10 -3.76
C THR F 193 21.17 33.07 -4.85
N ASP F 194 20.94 33.48 -6.10
CA ASP F 194 21.13 32.61 -7.25
C ASP F 194 22.32 33.12 -8.05
N SER F 195 22.47 34.44 -8.06
CA SER F 195 23.52 35.09 -8.83
C SER F 195 24.52 35.88 -8.01
N CYS F 196 25.60 36.25 -8.66
CA CYS F 196 26.66 37.01 -8.05
C CYS F 196 27.70 37.24 -9.13
N LEU F 197 28.55 38.24 -8.94
CA LEU F 197 29.59 38.50 -9.91
C LEU F 197 30.77 37.59 -9.61
N VAL F 198 31.57 37.33 -10.64
CA VAL F 198 32.76 36.47 -10.52
C VAL F 198 33.69 36.91 -9.39
N TYR F 199 33.46 38.10 -8.85
CA TYR F 199 34.32 38.56 -7.77
C TYR F 199 33.88 37.93 -6.48
N GLY F 200 32.65 37.43 -6.46
CA GLY F 200 32.13 36.81 -5.26
C GLY F 200 32.13 37.80 -4.13
N GLY F 201 32.48 37.34 -2.92
CA GLY F 201 32.51 38.22 -1.77
C GLY F 201 31.18 38.42 -1.04
N GLN F 202 30.07 38.36 -1.77
CA GLN F 202 28.74 38.55 -1.20
C GLN F 202 28.40 37.46 -0.21
N GLN F 203 27.26 37.59 0.46
CA GLN F 203 26.83 36.58 1.44
C GLN F 203 25.56 35.85 1.01
N MET F 204 25.59 34.53 1.14
CA MET F 204 24.45 33.71 0.79
C MET F 204 23.93 33.02 2.04
N ILE F 205 22.60 33.05 2.21
CA ILE F 205 21.94 32.43 3.35
C ILE F 205 21.21 31.16 2.94
N LEU F 206 21.55 30.04 3.59
CA LEU F 206 20.95 28.77 3.28
C LEU F 206 20.03 28.25 4.38
N THR F 207 18.75 28.16 4.07
CA THR F 207 17.78 27.65 5.01
C THR F 207 17.66 26.16 4.74
N GLY F 208 17.69 25.36 5.81
CA GLY F 208 17.59 23.93 5.65
C GLY F 208 17.54 23.20 6.98
N GLN F 209 18.16 22.03 7.05
CA GLN F 209 18.18 21.23 8.26
C GLN F 209 19.54 20.59 8.49
N ASN F 210 19.73 20.10 9.70
CA ASN F 210 20.94 19.41 10.06
C ASN F 210 22.21 20.20 9.88
N PHE F 211 22.11 21.52 9.94
CA PHE F 211 23.30 22.33 9.82
C PHE F 211 23.94 22.42 11.21
N THR F 212 25.25 22.33 11.25
CA THR F 212 25.98 22.39 12.52
C THR F 212 27.16 23.35 12.34
N SER F 213 27.83 23.68 13.44
CA SER F 213 28.97 24.57 13.38
C SER F 213 30.09 23.95 12.56
N GLU F 214 30.17 22.63 12.58
CA GLU F 214 31.20 21.90 11.83
C GLU F 214 30.93 21.95 10.34
N SER F 215 29.68 22.20 9.97
CA SER F 215 29.28 22.26 8.56
C SER F 215 30.21 23.05 7.64
N LYS F 216 30.30 22.58 6.40
CA LYS F 216 31.14 23.23 5.41
C LYS F 216 30.39 23.41 4.09
N VAL F 217 30.93 24.27 3.23
CA VAL F 217 30.32 24.55 1.93
C VAL F 217 31.40 24.58 0.87
N VAL F 218 31.18 23.88 -0.23
CA VAL F 218 32.17 23.86 -1.29
C VAL F 218 31.53 24.17 -2.63
N PHE F 219 32.23 24.96 -3.44
CA PHE F 219 31.74 25.30 -4.77
C PHE F 219 32.50 24.45 -5.77
N THR F 220 31.77 23.85 -6.69
CA THR F 220 32.37 22.97 -7.67
C THR F 220 31.81 23.18 -9.08
N GLU F 221 32.61 22.77 -10.08
CA GLU F 221 32.24 22.84 -11.48
C GLU F 221 32.79 21.60 -12.21
N LYS F 222 32.05 21.04 -13.15
CA LYS F 222 32.58 19.89 -13.84
C LYS F 222 32.10 19.72 -15.27
N THR F 223 32.90 19.02 -16.06
CA THR F 223 32.59 18.73 -17.46
C THR F 223 31.34 17.85 -17.47
N THR F 224 30.72 17.69 -18.64
CA THR F 224 29.55 16.85 -18.66
C THR F 224 29.88 15.36 -18.42
N ASP F 225 31.16 15.01 -18.47
CA ASP F 225 31.54 13.63 -18.22
C ASP F 225 32.17 13.48 -16.85
N GLY F 226 31.87 14.42 -15.96
CA GLY F 226 32.36 14.36 -14.59
C GLY F 226 33.70 14.91 -14.16
N GLN F 227 34.54 15.35 -15.09
CA GLN F 227 35.84 15.89 -14.71
C GLN F 227 35.57 17.15 -13.88
N GLN F 228 36.21 17.26 -12.73
CA GLN F 228 36.03 18.44 -11.91
C GLN F 228 37.04 19.45 -12.42
N ILE F 229 36.57 20.64 -12.79
CA ILE F 229 37.43 21.69 -13.32
C ILE F 229 37.54 22.88 -12.39
N TRP F 230 36.93 22.79 -11.21
CA TRP F 230 36.96 23.87 -10.23
C TRP F 230 36.40 23.43 -8.89
N GLU F 231 37.11 23.77 -7.82
CA GLU F 231 36.66 23.41 -6.49
C GLU F 231 37.13 24.46 -5.52
N MET F 232 36.18 25.09 -4.83
CA MET F 232 36.51 26.13 -3.86
C MET F 232 35.62 26.08 -2.62
N GLU F 233 36.25 26.07 -1.45
CA GLU F 233 35.46 26.05 -0.22
C GLU F 233 35.04 27.48 0.06
N ALA F 234 33.76 27.67 0.32
CA ALA F 234 33.28 29.00 0.64
C ALA F 234 33.44 29.09 2.14
N THR F 235 33.71 30.29 2.65
CA THR F 235 33.87 30.48 4.09
C THR F 235 32.54 30.68 4.79
N VAL F 236 32.27 29.86 5.79
CA VAL F 236 31.02 29.97 6.56
C VAL F 236 31.24 30.90 7.74
N ASP F 237 30.26 31.77 8.02
CA ASP F 237 30.35 32.69 9.15
C ASP F 237 29.98 31.91 10.39
N LYS F 238 30.92 31.10 10.85
CA LYS F 238 30.76 30.26 12.02
C LYS F 238 29.82 30.85 13.07
N ASP F 239 30.12 32.06 13.52
CA ASP F 239 29.35 32.76 14.56
C ASP F 239 27.82 32.74 14.41
N LYS F 240 27.31 33.39 13.37
CA LYS F 240 25.87 33.48 13.15
C LYS F 240 25.22 32.20 12.60
N SER F 241 25.95 31.09 12.60
CA SER F 241 25.43 29.82 12.07
C SER F 241 24.40 29.14 12.96
N GLN F 242 23.15 29.09 12.50
CA GLN F 242 22.07 28.44 13.24
C GLN F 242 22.10 26.95 12.88
N PRO F 243 21.17 26.15 13.42
CA PRO F 243 21.17 24.72 13.10
C PRO F 243 20.40 24.44 11.81
N ASN F 244 19.75 25.48 11.29
CA ASN F 244 18.96 25.37 10.07
C ASN F 244 19.12 26.64 9.24
N MET F 245 20.28 27.27 9.37
CA MET F 245 20.61 28.48 8.62
C MET F 245 22.09 28.74 8.62
N LEU F 246 22.68 28.77 7.43
CA LEU F 246 24.10 29.02 7.31
C LEU F 246 24.37 30.27 6.49
N PHE F 247 25.36 31.04 6.93
CA PHE F 247 25.74 32.26 6.25
C PHE F 247 27.04 31.96 5.54
N VAL F 248 27.00 32.00 4.22
CA VAL F 248 28.16 31.66 3.41
C VAL F 248 28.72 32.80 2.57
N GLU F 249 30.02 32.93 2.55
CA GLU F 249 30.61 33.95 1.72
C GLU F 249 30.87 33.29 0.37
N ILE F 250 30.09 33.66 -0.63
CA ILE F 250 30.26 33.14 -1.96
C ILE F 250 31.69 33.42 -2.39
N PRO F 251 32.41 32.39 -2.88
CA PRO F 251 33.81 32.55 -3.31
C PRO F 251 33.98 33.17 -4.71
N GLU F 252 35.18 33.64 -5.02
CA GLU F 252 35.41 34.22 -6.33
C GLU F 252 35.55 33.13 -7.39
N TYR F 253 35.04 33.38 -8.58
CA TYR F 253 35.13 32.40 -9.66
C TYR F 253 36.55 32.29 -10.23
N ARG F 254 36.85 31.13 -10.82
CA ARG F 254 38.18 30.86 -11.39
C ARG F 254 38.60 31.77 -12.54
N ASN F 255 37.64 32.19 -13.35
CA ASN F 255 37.94 33.08 -14.48
C ASN F 255 37.16 34.37 -14.31
N LYS F 256 37.87 35.44 -14.01
CA LYS F 256 37.26 36.74 -13.81
C LYS F 256 37.01 37.56 -15.08
N HIS F 257 37.06 36.93 -16.25
CA HIS F 257 36.86 37.67 -17.49
C HIS F 257 35.68 37.19 -18.29
N ILE F 258 34.82 36.42 -17.64
CA ILE F 258 33.66 35.89 -18.34
C ILE F 258 32.75 36.98 -18.85
N ARG F 259 32.30 36.83 -20.09
CA ARG F 259 31.39 37.78 -20.72
C ARG F 259 30.02 37.11 -20.81
N THR F 260 29.92 35.93 -20.22
CA THR F 260 28.67 35.17 -20.24
C THR F 260 28.50 34.43 -18.92
N PRO F 261 27.26 34.11 -18.58
CA PRO F 261 26.88 33.40 -17.35
C PRO F 261 27.49 32.01 -17.28
N VAL F 262 28.03 31.68 -16.12
CA VAL F 262 28.64 30.40 -15.90
C VAL F 262 27.93 29.65 -14.77
N LYS F 263 27.26 28.56 -15.13
CA LYS F 263 26.52 27.73 -14.17
C LYS F 263 27.46 26.87 -13.34
N VAL F 264 27.22 26.82 -12.04
CA VAL F 264 28.05 25.99 -11.15
C VAL F 264 27.19 25.32 -10.06
N ASN F 265 27.85 24.67 -9.11
CA ASN F 265 27.18 23.99 -8.01
C ASN F 265 27.92 24.29 -6.73
N PHE F 266 27.32 23.89 -5.62
CA PHE F 266 27.92 24.03 -4.30
C PHE F 266 27.12 23.10 -3.42
N TYR F 267 27.72 22.62 -2.34
CA TYR F 267 27.01 21.75 -1.43
C TYR F 267 27.50 21.92 0.00
N VAL F 268 26.67 21.47 0.93
CA VAL F 268 26.96 21.55 2.36
C VAL F 268 27.45 20.15 2.76
N ILE F 269 28.47 20.08 3.61
CA ILE F 269 28.98 18.79 4.02
C ILE F 269 29.15 18.68 5.54
N ASN F 270 28.66 17.57 6.10
CA ASN F 270 28.77 17.31 7.53
C ASN F 270 29.68 16.10 7.72
N GLY F 271 30.85 16.33 8.29
CA GLY F 271 31.76 15.22 8.47
C GLY F 271 32.54 15.09 7.19
N LYS F 272 33.03 13.89 6.88
CA LYS F 272 33.81 13.70 5.68
C LYS F 272 33.00 13.10 4.52
N ARG F 273 31.85 12.51 4.82
CA ARG F 273 31.10 11.91 3.73
C ARG F 273 29.61 12.24 3.61
N LYS F 274 29.03 12.85 4.65
CA LYS F 274 27.62 13.20 4.59
C LYS F 274 27.42 14.59 3.99
N ARG F 275 27.39 14.66 2.67
CA ARG F 275 27.19 15.93 2.00
C ARG F 275 25.75 16.04 1.54
N SER F 276 25.32 17.26 1.27
CA SER F 276 23.96 17.51 0.83
C SER F 276 23.77 17.31 -0.67
N GLN F 277 22.54 17.59 -1.07
CA GLN F 277 22.13 17.52 -2.45
C GLN F 277 22.82 18.70 -3.14
N PRO F 278 23.50 18.48 -4.28
CA PRO F 278 24.17 19.56 -4.98
C PRO F 278 23.22 20.70 -5.35
N GLN F 279 23.70 21.93 -5.19
CA GLN F 279 22.87 23.09 -5.50
C GLN F 279 23.35 23.87 -6.73
N HIS F 280 22.40 24.57 -7.34
CA HIS F 280 22.71 25.35 -8.53
C HIS F 280 22.93 26.83 -8.28
N PHE F 281 24.07 27.33 -8.73
CA PHE F 281 24.39 28.73 -8.57
C PHE F 281 24.97 29.22 -9.88
N THR F 282 24.67 30.47 -10.23
CA THR F 282 25.19 31.03 -11.45
C THR F 282 26.10 32.20 -11.14
N TYR F 283 27.11 32.39 -11.99
CA TYR F 283 28.06 33.47 -11.86
C TYR F 283 27.88 34.42 -13.03
N HIS F 284 27.71 35.72 -12.74
CA HIS F 284 27.50 36.71 -13.78
C HIS F 284 28.69 37.59 -14.19
N PRO F 285 28.81 37.90 -15.50
CA PRO F 285 29.86 38.71 -16.09
C PRO F 285 29.84 40.18 -15.68
N VAL F 286 30.91 40.88 -16.09
CA VAL F 286 31.12 42.30 -15.81
C VAL F 286 31.84 42.48 -14.49
N SER G 1 4.08 -2.54 -46.77
CA SER G 1 4.65 -2.39 -45.39
C SER G 1 3.70 -1.64 -44.44
N SER G 2 2.72 -0.95 -45.00
CA SER G 2 1.77 -0.19 -44.20
C SER G 2 0.33 -0.52 -44.63
N VAL G 3 0.16 -1.70 -45.23
CA VAL G 3 -1.13 -2.20 -45.70
C VAL G 3 -2.26 -1.80 -44.75
N PRO G 4 -3.40 -1.35 -45.30
CA PRO G 4 -4.52 -0.96 -44.42
C PRO G 4 -4.87 -2.05 -43.41
N LEU G 5 -5.04 -1.64 -42.17
CA LEU G 5 -5.38 -2.59 -41.13
C LEU G 5 -6.81 -3.16 -41.32
N GLU G 6 -7.65 -2.46 -42.04
CA GLU G 6 -9.02 -2.96 -42.27
C GLU G 6 -9.03 -4.01 -43.39
N TRP G 7 -8.00 -4.00 -44.23
CA TRP G 7 -7.88 -4.97 -45.32
C TRP G 7 -7.67 -6.35 -44.70
N PRO G 8 -8.42 -7.35 -45.17
CA PRO G 8 -8.32 -8.72 -44.66
C PRO G 8 -7.11 -9.49 -45.18
N LEU G 9 -6.57 -10.37 -44.36
CA LEU G 9 -5.42 -11.16 -44.77
C LEU G 9 -5.55 -12.60 -44.27
N SER G 10 -4.52 -13.40 -44.55
CA SER G 10 -4.50 -14.78 -44.15
C SER G 10 -3.31 -15.00 -43.27
N SER G 11 -3.38 -16.05 -42.46
CA SER G 11 -2.29 -16.37 -41.54
C SER G 11 -1.19 -17.14 -42.24
N GLN G 12 -1.53 -17.76 -43.35
CA GLN G 12 -0.58 -18.57 -44.09
C GLN G 12 -0.60 -18.27 -45.58
N SER G 13 0.57 -18.27 -46.19
CA SER G 13 0.70 -18.03 -47.62
C SER G 13 1.85 -18.89 -48.15
N GLY G 14 1.53 -19.83 -49.03
CA GLY G 14 2.56 -20.69 -49.56
C GLY G 14 3.26 -21.44 -48.45
N SER G 15 4.57 -21.22 -48.32
CA SER G 15 5.35 -21.89 -47.30
C SER G 15 5.57 -21.00 -46.08
N TYR G 16 4.93 -19.83 -46.09
CA TYR G 16 5.04 -18.89 -44.97
C TYR G 16 3.84 -18.97 -44.04
N GLU G 17 4.07 -19.08 -42.75
CA GLU G 17 2.95 -19.09 -41.80
C GLU G 17 3.23 -18.22 -40.58
N LEU G 18 2.25 -17.38 -40.24
CA LEU G 18 2.36 -16.52 -39.06
C LEU G 18 1.54 -17.22 -38.00
N ARG G 19 2.20 -17.69 -36.94
CA ARG G 19 1.49 -18.42 -35.91
C ARG G 19 1.65 -17.87 -34.50
N ILE G 20 0.59 -18.04 -33.72
CA ILE G 20 0.61 -17.63 -32.33
C ILE G 20 0.90 -18.89 -31.53
N GLU G 21 2.16 -19.04 -31.14
CA GLU G 21 2.63 -20.19 -30.36
C GLU G 21 1.98 -20.21 -28.97
N VAL G 22 2.16 -19.12 -28.23
CA VAL G 22 1.59 -18.97 -26.90
C VAL G 22 0.50 -17.90 -26.94
N GLN G 23 -0.73 -18.30 -26.61
CA GLN G 23 -1.89 -17.41 -26.60
C GLN G 23 -1.95 -16.60 -25.33
N PRO G 24 -2.82 -15.59 -25.29
CA PRO G 24 -2.94 -14.77 -24.08
C PRO G 24 -4.08 -15.26 -23.20
N LYS G 25 -4.02 -14.94 -21.91
CA LYS G 25 -5.08 -15.33 -21.00
C LYS G 25 -6.36 -14.74 -21.58
N PRO G 26 -7.48 -15.44 -21.49
CA PRO G 26 -8.75 -14.93 -22.02
C PRO G 26 -9.30 -13.71 -21.28
N HIS G 27 -8.52 -13.16 -20.35
CA HIS G 27 -8.98 -12.00 -19.59
C HIS G 27 -7.86 -11.03 -19.31
N HIS G 28 -8.11 -9.76 -19.63
CA HIS G 28 -7.15 -8.70 -19.35
C HIS G 28 -7.87 -7.39 -19.14
N ARG G 29 -7.71 -6.83 -17.95
CA ARG G 29 -8.35 -5.59 -17.62
C ARG G 29 -7.62 -4.46 -18.31
N ALA G 30 -8.29 -3.86 -19.29
CA ALA G 30 -7.70 -2.77 -20.02
C ALA G 30 -7.64 -1.61 -19.05
N HIS G 31 -6.66 -0.74 -19.20
CA HIS G 31 -6.59 0.40 -18.29
C HIS G 31 -7.15 1.65 -18.97
N TYR G 32 -7.41 2.68 -18.18
CA TYR G 32 -7.91 3.94 -18.73
C TYR G 32 -6.75 4.93 -18.70
N GLU G 33 -6.86 6.02 -19.44
CA GLU G 33 -5.77 7.00 -19.43
C GLU G 33 -5.72 7.66 -18.05
N THR G 34 -6.87 7.84 -17.43
CA THR G 34 -6.93 8.48 -16.11
C THR G 34 -6.37 7.62 -14.98
N GLU G 35 -5.80 6.47 -15.29
CA GLU G 35 -5.22 5.62 -14.27
C GLU G 35 -3.88 5.06 -14.73
N GLY G 36 -3.10 4.56 -13.78
CA GLY G 36 -1.81 4.02 -14.15
C GLY G 36 -1.93 2.81 -15.06
N SER G 37 -1.19 2.80 -16.16
CA SER G 37 -1.21 1.67 -17.07
C SER G 37 -1.29 0.39 -16.25
N ARG G 38 -2.05 -0.58 -16.73
CA ARG G 38 -2.21 -1.84 -16.01
C ARG G 38 -1.33 -2.98 -16.55
N GLY G 39 -0.14 -2.65 -17.03
CA GLY G 39 0.75 -3.69 -17.52
C GLY G 39 0.49 -4.30 -18.90
N ALA G 40 1.33 -5.26 -19.26
CA ALA G 40 1.21 -5.94 -20.54
C ALA G 40 0.45 -7.25 -20.45
N VAL G 41 -0.24 -7.59 -21.54
CA VAL G 41 -1.02 -8.81 -21.65
C VAL G 41 -0.13 -10.00 -21.30
N LYS G 42 -0.69 -10.95 -20.55
CA LYS G 42 0.08 -12.10 -20.15
C LYS G 42 -0.51 -13.40 -20.70
N ALA G 43 0.28 -14.47 -20.61
CA ALA G 43 -0.16 -15.77 -21.08
C ALA G 43 -0.75 -16.57 -19.91
N PRO G 44 -1.66 -17.52 -20.21
CA PRO G 44 -2.28 -18.33 -19.16
C PRO G 44 -1.23 -19.04 -18.33
N THR G 45 -0.09 -19.32 -18.97
CA THR G 45 1.00 -20.02 -18.30
C THR G 45 1.87 -19.05 -17.53
N GLY G 46 1.25 -18.03 -16.96
CA GLY G 46 2.00 -17.05 -16.19
C GLY G 46 3.15 -16.38 -16.93
N GLY G 47 3.11 -16.36 -18.26
CA GLY G 47 4.17 -15.74 -19.02
C GLY G 47 3.74 -14.62 -19.95
N HIS G 48 3.93 -14.84 -21.24
CA HIS G 48 3.57 -13.86 -22.26
C HIS G 48 3.23 -14.55 -23.57
N PRO G 49 2.34 -13.95 -24.35
CA PRO G 49 1.96 -14.56 -25.63
C PRO G 49 3.17 -14.62 -26.54
N VAL G 50 3.21 -15.66 -27.37
CA VAL G 50 4.32 -15.81 -28.31
C VAL G 50 3.83 -15.91 -29.74
N VAL G 51 4.55 -15.25 -30.64
CA VAL G 51 4.20 -15.25 -32.05
C VAL G 51 5.40 -15.68 -32.88
N GLN G 52 5.14 -16.49 -33.90
CA GLN G 52 6.23 -16.95 -34.75
C GLN G 52 5.91 -17.11 -36.23
N LEU G 53 6.85 -16.64 -37.07
CA LEU G 53 6.74 -16.75 -38.54
C LEU G 53 7.62 -17.94 -38.90
N HIS G 54 7.06 -18.95 -39.53
CA HIS G 54 7.87 -20.12 -39.84
C HIS G 54 8.69 -20.14 -41.13
N GLY G 55 8.05 -20.43 -42.27
CA GLY G 55 8.74 -20.52 -43.54
C GLY G 55 9.77 -19.47 -43.98
N TYR G 56 10.08 -18.48 -43.14
CA TYR G 56 11.05 -17.47 -43.54
C TYR G 56 12.39 -18.14 -43.73
N MET G 57 13.16 -17.63 -44.68
CA MET G 57 14.47 -18.21 -44.97
C MET G 57 15.53 -17.13 -45.17
N GLU G 58 15.09 -15.91 -45.47
CA GLU G 58 16.04 -14.82 -45.67
C GLU G 58 16.78 -14.60 -44.35
N ASN G 59 17.79 -13.73 -44.37
CA ASN G 59 18.55 -13.47 -43.15
C ASN G 59 18.29 -12.05 -42.66
N LYS G 60 17.39 -11.35 -43.33
CA LYS G 60 17.05 -9.98 -42.98
C LYS G 60 15.81 -9.96 -42.09
N PRO G 61 15.98 -9.59 -40.80
CA PRO G 61 14.89 -9.50 -39.83
C PRO G 61 13.69 -8.68 -40.32
N LEU G 62 12.49 -9.22 -40.15
CA LEU G 62 11.27 -8.53 -40.55
C LEU G 62 10.66 -7.75 -39.40
N GLY G 63 9.55 -7.06 -39.67
CA GLY G 63 8.89 -6.28 -38.64
C GLY G 63 7.49 -6.77 -38.31
N LEU G 64 7.28 -7.16 -37.05
CA LEU G 64 5.98 -7.65 -36.62
C LEU G 64 5.16 -6.51 -36.02
N GLN G 65 3.97 -6.31 -36.56
CA GLN G 65 3.09 -5.25 -36.08
C GLN G 65 2.05 -5.78 -35.11
N ILE G 66 1.69 -4.96 -34.12
CA ILE G 66 0.71 -5.38 -33.15
C ILE G 66 -0.35 -4.34 -32.92
N PHE G 67 -1.61 -4.75 -32.99
CA PHE G 67 -2.70 -3.83 -32.71
C PHE G 67 -3.91 -4.55 -32.14
N ILE G 68 -4.87 -3.79 -31.64
CA ILE G 68 -6.06 -4.38 -31.07
C ILE G 68 -7.22 -4.38 -32.04
N GLY G 69 -7.77 -5.56 -32.28
CA GLY G 69 -8.88 -5.65 -33.23
C GLY G 69 -10.14 -6.07 -32.52
N THR G 70 -11.24 -6.12 -33.28
CA THR G 70 -12.53 -6.49 -32.72
C THR G 70 -12.69 -7.98 -32.46
N ALA G 71 -13.80 -8.32 -31.83
CA ALA G 71 -14.11 -9.71 -31.52
C ALA G 71 -15.60 -9.80 -31.34
N ASP G 72 -16.34 -9.40 -32.37
CA ASP G 72 -17.79 -9.45 -32.32
C ASP G 72 -18.31 -10.45 -33.36
N GLU G 73 -19.51 -10.19 -33.89
CA GLU G 73 -20.13 -11.06 -34.88
C GLU G 73 -19.59 -10.77 -36.28
N ARG G 74 -18.89 -9.64 -36.40
CA ARG G 74 -18.34 -9.22 -37.69
C ARG G 74 -16.87 -9.56 -37.85
N ILE G 75 -16.44 -9.58 -39.10
CA ILE G 75 -15.07 -9.90 -39.47
C ILE G 75 -14.15 -8.95 -38.73
N LEU G 76 -13.01 -9.46 -38.28
CA LEU G 76 -12.07 -8.65 -37.55
C LEU G 76 -11.66 -7.35 -38.21
N LYS G 77 -11.64 -6.28 -37.41
CA LYS G 77 -11.24 -4.95 -37.85
C LYS G 77 -10.64 -4.33 -36.60
N PRO G 78 -9.74 -3.34 -36.74
CA PRO G 78 -9.17 -2.75 -35.53
C PRO G 78 -10.27 -2.16 -34.62
N HIS G 79 -10.12 -2.37 -33.32
CA HIS G 79 -11.10 -1.89 -32.35
C HIS G 79 -10.98 -0.39 -32.12
N ALA G 80 -12.09 0.32 -32.28
CA ALA G 80 -12.08 1.77 -32.10
C ALA G 80 -12.11 2.24 -30.63
N PHE G 81 -12.45 1.33 -29.72
CA PHE G 81 -12.55 1.64 -28.30
C PHE G 81 -11.38 1.17 -27.43
N TYR G 82 -10.38 0.54 -28.04
CA TYR G 82 -9.20 0.11 -27.32
C TYR G 82 -8.05 0.37 -28.28
N GLN G 83 -6.87 0.58 -27.71
CA GLN G 83 -5.65 0.85 -28.47
C GLN G 83 -4.55 0.07 -27.79
N VAL G 84 -3.63 -0.51 -28.56
CA VAL G 84 -2.52 -1.23 -27.95
C VAL G 84 -1.73 -0.18 -27.20
N HIS G 85 -1.06 -0.58 -26.13
CA HIS G 85 -0.30 0.33 -25.31
C HIS G 85 1.12 -0.16 -25.11
N ARG G 86 2.11 0.63 -25.53
CA ARG G 86 3.51 0.22 -25.40
C ARG G 86 3.97 0.07 -23.94
N ILE G 87 3.68 -1.08 -23.34
CA ILE G 87 4.08 -1.34 -21.95
C ILE G 87 5.54 -0.96 -21.75
N THR G 88 5.76 0.35 -21.60
CA THR G 88 7.06 0.98 -21.41
C THR G 88 8.13 0.08 -20.78
N GLY G 89 9.06 -0.38 -21.62
CA GLY G 89 10.12 -1.26 -21.17
C GLY G 89 10.60 -1.07 -19.73
N LYS G 90 10.14 -1.94 -18.84
CA LYS G 90 10.52 -1.86 -17.43
C LYS G 90 11.66 -2.85 -17.16
N THR G 91 11.30 -3.99 -16.55
CA THR G 91 12.27 -5.03 -16.23
C THR G 91 11.92 -6.31 -16.96
N VAL G 92 10.62 -6.57 -17.09
CA VAL G 92 10.15 -7.77 -17.79
C VAL G 92 10.17 -7.52 -19.30
N THR G 93 9.91 -6.28 -19.70
CA THR G 93 9.90 -5.90 -21.12
C THR G 93 11.30 -6.06 -21.71
N THR G 94 11.42 -6.98 -22.66
CA THR G 94 12.69 -7.26 -23.32
C THR G 94 12.60 -6.92 -24.79
N THR G 95 11.46 -7.25 -25.40
CA THR G 95 11.20 -7.02 -26.81
C THR G 95 11.05 -5.52 -27.11
N SER G 96 12.05 -4.93 -27.76
CA SER G 96 12.00 -3.52 -28.11
C SER G 96 10.68 -3.18 -28.80
N TYR G 97 10.12 -2.02 -28.45
CA TYR G 97 8.84 -1.56 -28.99
C TYR G 97 9.05 -0.45 -30.01
N GLU G 98 7.96 0.14 -30.47
CA GLU G 98 7.99 1.22 -31.46
C GLU G 98 6.54 1.50 -31.83
N LYS G 99 6.09 2.75 -31.72
CA LYS G 99 4.69 3.06 -32.01
C LYS G 99 4.49 3.79 -33.32
N ILE G 100 3.41 3.43 -34.03
CA ILE G 100 3.06 4.04 -35.31
C ILE G 100 1.58 4.40 -35.27
N VAL G 101 1.10 5.11 -36.29
CA VAL G 101 -0.30 5.48 -36.36
C VAL G 101 -0.94 4.98 -37.65
N GLY G 102 -2.19 5.38 -37.86
CA GLY G 102 -2.95 4.99 -39.02
C GLY G 102 -4.40 5.10 -38.58
N ASN G 103 -4.59 5.94 -37.55
CA ASN G 103 -5.88 6.20 -36.91
C ASN G 103 -6.07 5.15 -35.80
N THR G 104 -5.20 4.14 -35.84
CA THR G 104 -5.15 3.05 -34.90
C THR G 104 -3.69 3.00 -34.53
N LYS G 105 -3.39 2.87 -33.25
CA LYS G 105 -2.01 2.79 -32.84
C LYS G 105 -1.59 1.37 -33.08
N VAL G 106 -0.33 1.16 -33.45
CA VAL G 106 0.15 -0.20 -33.66
C VAL G 106 1.61 -0.27 -33.24
N LEU G 107 1.96 -1.33 -32.53
CA LEU G 107 3.34 -1.48 -32.11
C LEU G 107 4.11 -2.18 -33.22
N GLU G 108 5.40 -2.37 -33.01
CA GLU G 108 6.23 -3.03 -33.97
C GLU G 108 7.50 -3.48 -33.31
N ILE G 109 7.64 -4.79 -33.18
CA ILE G 109 8.83 -5.39 -32.59
C ILE G 109 9.50 -6.08 -33.75
N PRO G 110 10.75 -6.54 -33.57
CA PRO G 110 11.39 -7.20 -34.69
C PRO G 110 11.39 -8.72 -34.59
N LEU G 111 11.37 -9.38 -35.74
CA LEU G 111 11.40 -10.83 -35.79
C LEU G 111 12.77 -11.24 -36.31
N GLU G 112 13.72 -11.35 -35.38
CA GLU G 112 15.08 -11.73 -35.73
C GLU G 112 15.16 -13.21 -36.13
N PRO G 113 15.93 -13.51 -37.20
CA PRO G 113 16.10 -14.87 -37.68
C PRO G 113 16.87 -15.68 -36.64
N LYS G 114 17.70 -14.99 -35.86
CA LYS G 114 18.48 -15.62 -34.82
C LYS G 114 17.56 -16.08 -33.68
N ASN G 115 16.37 -15.50 -33.64
CA ASN G 115 15.39 -15.85 -32.63
C ASN G 115 14.37 -16.75 -33.28
N ASN G 116 14.83 -17.51 -34.27
CA ASN G 116 14.01 -18.44 -35.02
C ASN G 116 12.66 -17.83 -35.46
N MET G 117 12.68 -16.55 -35.79
CA MET G 117 11.49 -15.83 -36.23
C MET G 117 10.29 -15.91 -35.25
N ARG G 118 10.58 -15.95 -33.97
CA ARG G 118 9.54 -16.01 -32.96
C ARG G 118 9.83 -14.90 -31.94
N ALA G 119 8.78 -14.26 -31.46
CA ALA G 119 8.95 -13.19 -30.49
C ALA G 119 8.08 -13.36 -29.24
N THR G 120 8.53 -12.75 -28.15
CA THR G 120 7.85 -12.78 -26.87
C THR G 120 7.17 -11.44 -26.66
N ILE G 121 5.86 -11.41 -26.83
CA ILE G 121 5.11 -10.17 -26.65
C ILE G 121 4.91 -9.87 -25.16
N ASP G 122 5.82 -9.07 -24.61
CA ASP G 122 5.76 -8.69 -23.20
C ASP G 122 5.79 -7.16 -23.10
N CYS G 123 5.60 -6.49 -24.23
CA CYS G 123 5.64 -5.03 -24.30
C CYS G 123 4.33 -4.46 -24.85
N ALA G 124 3.24 -5.17 -24.70
CA ALA G 124 1.98 -4.68 -25.23
C ALA G 124 0.82 -4.74 -24.23
N GLY G 125 0.36 -3.56 -23.82
CA GLY G 125 -0.76 -3.49 -22.90
C GLY G 125 -2.01 -3.10 -23.67
N ILE G 126 -3.11 -2.91 -22.97
CA ILE G 126 -4.36 -2.52 -23.61
C ILE G 126 -4.98 -1.30 -22.94
N LEU G 127 -4.96 -0.17 -23.64
CA LEU G 127 -5.56 1.04 -23.13
C LEU G 127 -6.99 1.04 -23.59
N LYS G 128 -7.90 1.46 -22.72
CA LYS G 128 -9.31 1.55 -23.06
C LYS G 128 -9.60 3.03 -23.29
N LEU G 129 -10.23 3.37 -24.42
CA LEU G 129 -10.55 4.78 -24.66
C LEU G 129 -11.99 5.03 -24.22
N ARG G 130 -12.29 6.29 -23.89
CA ARG G 130 -13.63 6.61 -23.42
C ARG G 130 -14.59 6.65 -24.57
N ASN G 131 -15.71 5.95 -24.43
CA ASN G 131 -16.68 5.91 -25.50
C ASN G 131 -17.02 7.31 -25.98
N ALA G 132 -17.45 8.18 -25.06
CA ALA G 132 -17.81 9.56 -25.39
C ALA G 132 -16.73 10.24 -26.21
N ASP G 133 -15.47 9.95 -25.91
CA ASP G 133 -14.36 10.53 -26.64
C ASP G 133 -14.22 9.98 -28.05
N ILE G 134 -14.82 8.82 -28.30
CA ILE G 134 -14.68 8.19 -29.61
C ILE G 134 -15.89 8.29 -30.51
N GLU G 135 -16.94 7.57 -30.13
CA GLU G 135 -18.17 7.53 -30.88
C GLU G 135 -18.46 8.79 -31.70
N LEU G 136 -18.66 8.61 -32.99
CA LEU G 136 -18.98 9.71 -33.89
C LEU G 136 -17.86 10.70 -34.14
N ARG G 137 -16.62 10.21 -34.21
CA ARG G 137 -15.50 11.09 -34.49
C ARG G 137 -14.71 10.48 -35.64
N LYS G 138 -14.69 11.19 -36.77
CA LYS G 138 -13.99 10.74 -37.97
C LYS G 138 -14.88 9.75 -38.73
N GLY G 139 -16.19 9.96 -38.65
CA GLY G 139 -17.12 9.08 -39.32
C GLY G 139 -17.33 7.81 -38.52
N GLU G 140 -18.47 7.70 -37.84
CA GLU G 140 -18.74 6.53 -37.02
C GLU G 140 -20.19 6.05 -37.04
N THR G 141 -20.38 4.88 -36.44
CA THR G 141 -21.68 4.23 -36.32
C THR G 141 -21.53 3.20 -35.21
N ASP G 142 -20.28 2.88 -34.89
CA ASP G 142 -19.97 1.91 -33.84
C ASP G 142 -20.20 2.47 -32.44
N ILE G 143 -20.59 1.60 -31.51
CA ILE G 143 -20.84 2.00 -30.14
C ILE G 143 -20.05 1.13 -29.16
N GLY G 144 -19.55 1.74 -28.09
CA GLY G 144 -18.74 1.03 -27.12
C GLY G 144 -19.44 0.15 -26.10
N ARG G 145 -20.62 0.58 -25.66
CA ARG G 145 -21.36 -0.18 -24.65
C ARG G 145 -21.46 -1.67 -24.99
N LYS G 146 -21.02 -2.50 -24.07
CA LYS G 146 -21.03 -3.96 -24.23
C LYS G 146 -20.04 -4.47 -25.27
N ASN G 147 -19.24 -3.55 -25.82
CA ASN G 147 -18.23 -3.92 -26.80
C ASN G 147 -16.90 -3.92 -26.05
N THR G 148 -16.74 -4.88 -25.14
CA THR G 148 -15.55 -4.95 -24.32
C THR G 148 -14.66 -6.17 -24.53
N ARG G 149 -14.92 -6.93 -25.59
CA ARG G 149 -14.11 -8.11 -25.90
C ARG G 149 -13.24 -7.78 -27.12
N VAL G 150 -11.95 -8.09 -27.04
CA VAL G 150 -11.04 -7.81 -28.13
C VAL G 150 -10.12 -8.97 -28.52
N ARG G 151 -9.30 -8.74 -29.54
CA ARG G 151 -8.35 -9.74 -29.98
C ARG G 151 -7.03 -9.06 -30.27
N LEU G 152 -5.93 -9.72 -29.95
CA LEU G 152 -4.62 -9.15 -30.25
C LEU G 152 -4.40 -9.47 -31.71
N VAL G 153 -4.13 -8.47 -32.54
CA VAL G 153 -3.91 -8.71 -33.97
C VAL G 153 -2.44 -8.55 -34.30
N PHE G 154 -1.90 -9.50 -35.05
CA PHE G 154 -0.50 -9.46 -35.44
C PHE G 154 -0.36 -9.56 -36.95
N ARG G 155 0.72 -9.01 -37.48
CA ARG G 155 0.97 -9.12 -38.92
C ARG G 155 2.41 -8.81 -39.32
N VAL G 156 2.85 -9.48 -40.36
CA VAL G 156 4.20 -9.31 -40.90
C VAL G 156 4.12 -9.04 -42.39
N HIS G 157 5.12 -8.35 -42.92
CA HIS G 157 5.12 -8.08 -44.35
C HIS G 157 6.42 -8.61 -44.97
N ILE G 158 6.31 -9.74 -45.66
CA ILE G 158 7.48 -10.37 -46.27
C ILE G 158 7.73 -9.89 -47.71
N PRO G 159 8.91 -9.30 -47.93
CA PRO G 159 9.28 -8.80 -49.27
C PRO G 159 9.92 -9.91 -50.13
N GLU G 160 9.54 -9.95 -51.40
CA GLU G 160 10.11 -10.94 -52.32
C GLU G 160 10.70 -10.21 -53.52
N SER G 161 11.95 -10.52 -53.85
CA SER G 161 12.66 -9.91 -54.97
C SER G 161 11.81 -9.74 -56.23
N SER G 162 10.88 -10.66 -56.43
CA SER G 162 10.00 -10.60 -57.59
C SER G 162 9.11 -9.39 -57.45
N GLY G 163 9.45 -8.52 -56.50
CA GLY G 163 8.68 -7.32 -56.27
C GLY G 163 7.34 -7.66 -55.64
N ARG G 164 7.30 -8.78 -54.93
CA ARG G 164 6.07 -9.19 -54.30
C ARG G 164 6.15 -9.10 -52.78
N ILE G 165 5.05 -8.67 -52.18
CA ILE G 165 4.95 -8.50 -50.74
C ILE G 165 3.93 -9.50 -50.20
N VAL G 166 4.38 -10.37 -49.32
CA VAL G 166 3.47 -11.35 -48.73
C VAL G 166 3.05 -10.82 -47.36
N SER G 167 1.76 -10.54 -47.21
CA SER G 167 1.25 -9.99 -45.96
C SER G 167 0.42 -10.99 -45.19
N LEU G 168 0.94 -11.39 -44.03
CA LEU G 168 0.27 -12.35 -43.18
C LEU G 168 -0.27 -11.70 -41.91
N GLN G 169 -1.47 -12.11 -41.51
CA GLN G 169 -2.11 -11.60 -40.30
C GLN G 169 -2.68 -12.71 -39.43
N THR G 170 -2.36 -12.66 -38.14
CA THR G 170 -2.84 -13.66 -37.20
C THR G 170 -3.50 -13.01 -35.96
N ALA G 171 -4.74 -13.38 -35.69
CA ALA G 171 -5.45 -12.84 -34.53
C ALA G 171 -5.50 -13.84 -33.38
N SER G 172 -5.27 -13.34 -32.17
CA SER G 172 -5.29 -14.18 -30.98
C SER G 172 -6.71 -14.54 -30.61
N ASN G 173 -6.87 -15.37 -29.58
CA ASN G 173 -8.20 -15.72 -29.12
C ASN G 173 -8.85 -14.47 -28.53
N PRO G 174 -10.20 -14.45 -28.47
CA PRO G 174 -10.91 -13.30 -27.92
C PRO G 174 -10.42 -13.04 -26.51
N ILE G 175 -10.36 -11.77 -26.13
CA ILE G 175 -9.96 -11.41 -24.77
C ILE G 175 -11.02 -10.52 -24.16
N GLU G 176 -11.36 -10.80 -22.90
CA GLU G 176 -12.35 -10.00 -22.18
C GLU G 176 -11.56 -8.92 -21.44
N CYS G 177 -11.96 -7.67 -21.64
CA CYS G 177 -11.27 -6.53 -21.06
C CYS G 177 -11.98 -5.77 -19.94
N SER G 178 -13.28 -6.00 -19.77
CA SER G 178 -14.02 -5.29 -18.73
C SER G 178 -13.64 -5.83 -17.37
N GLN G 179 -13.73 -5.01 -16.34
CA GLN G 179 -13.41 -5.45 -14.99
C GLN G 179 -14.30 -6.62 -14.62
N ARG G 180 -13.71 -7.66 -14.05
CA ARG G 180 -14.43 -8.85 -13.65
C ARG G 180 -15.39 -8.55 -12.49
N SER G 181 -16.44 -9.35 -12.35
CA SER G 181 -17.40 -9.14 -11.27
C SER G 181 -16.68 -9.10 -9.93
N ALA G 182 -17.21 -8.27 -9.03
CA ALA G 182 -16.62 -8.13 -7.70
C ALA G 182 -16.94 -9.32 -6.83
N HIS G 183 -16.20 -9.45 -5.74
CA HIS G 183 -16.38 -10.55 -4.80
C HIS G 183 -17.62 -10.33 -3.93
N GLU G 184 -18.39 -11.39 -3.77
CA GLU G 184 -19.57 -11.33 -2.91
C GLU G 184 -19.09 -11.77 -1.53
N LEU G 185 -19.96 -11.65 -0.54
CA LEU G 185 -19.61 -12.03 0.82
C LEU G 185 -19.74 -13.52 1.10
N PRO G 186 -18.62 -14.18 1.40
CA PRO G 186 -18.71 -15.62 1.68
C PRO G 186 -19.43 -15.75 3.04
N MET G 187 -20.37 -16.69 3.10
CA MET G 187 -21.13 -16.88 4.31
C MET G 187 -20.96 -18.28 4.88
N VAL G 188 -20.73 -18.36 6.18
CA VAL G 188 -20.53 -19.65 6.86
C VAL G 188 -21.69 -19.98 7.77
N GLU G 189 -22.48 -20.98 7.39
CA GLU G 189 -23.64 -21.37 8.21
C GLU G 189 -23.39 -22.57 9.10
N ARG G 190 -22.72 -23.60 8.58
CA ARG G 190 -22.46 -24.80 9.34
C ARG G 190 -21.00 -25.10 9.26
N GLN G 191 -20.52 -25.98 10.14
CA GLN G 191 -19.13 -26.39 10.10
C GLN G 191 -19.14 -27.75 10.75
N ASP G 192 -18.45 -28.71 10.15
CA ASP G 192 -18.49 -30.05 10.66
C ASP G 192 -17.45 -30.44 11.70
N THR G 193 -16.64 -29.47 12.11
CA THR G 193 -15.64 -29.68 13.13
C THR G 193 -15.62 -28.40 13.97
N ASP G 194 -15.54 -28.53 15.29
CA ASP G 194 -15.50 -27.35 16.16
C ASP G 194 -14.18 -27.30 16.92
N SER G 195 -13.45 -28.40 16.89
CA SER G 195 -12.19 -28.44 17.60
C SER G 195 -11.38 -29.67 17.16
N CYS G 196 -10.15 -29.73 17.64
CA CYS G 196 -9.27 -30.85 17.36
C CYS G 196 -7.97 -30.54 18.10
N LEU G 197 -7.01 -31.46 18.02
CA LEU G 197 -5.72 -31.29 18.68
C LEU G 197 -4.87 -30.20 18.04
N VAL G 198 -3.93 -29.67 18.84
CA VAL G 198 -3.00 -28.62 18.44
C VAL G 198 -2.29 -28.94 17.14
N TYR G 199 -2.09 -30.22 16.88
CA TYR G 199 -1.43 -30.64 15.66
C TYR G 199 -2.25 -30.17 14.47
N GLY G 200 -3.56 -30.10 14.66
CA GLY G 200 -4.41 -29.71 13.54
C GLY G 200 -4.21 -30.78 12.49
N GLY G 201 -4.41 -30.43 11.23
CA GLY G 201 -4.19 -31.41 10.18
C GLY G 201 -5.44 -32.09 9.67
N GLN G 202 -6.54 -32.00 10.40
CA GLN G 202 -7.79 -32.63 9.99
C GLN G 202 -8.49 -31.79 8.92
N GLN G 203 -9.50 -32.36 8.29
CA GLN G 203 -10.26 -31.66 7.29
C GLN G 203 -11.52 -31.16 7.95
N MET G 204 -11.94 -29.97 7.56
CA MET G 204 -13.17 -29.35 8.06
C MET G 204 -13.98 -28.95 6.85
N ILE G 205 -15.30 -29.09 6.93
CA ILE G 205 -16.15 -28.69 5.84
C ILE G 205 -17.00 -27.53 6.31
N LEU G 206 -17.01 -26.46 5.53
CA LEU G 206 -17.78 -25.28 5.85
C LEU G 206 -19.01 -25.24 4.95
N THR G 207 -20.19 -25.30 5.55
CA THR G 207 -21.40 -25.24 4.73
C THR G 207 -21.74 -23.77 4.72
N GLY G 208 -21.92 -23.21 3.52
CA GLY G 208 -22.24 -21.81 3.45
C GLY G 208 -22.78 -21.38 2.10
N GLN G 209 -22.48 -20.14 1.73
CA GLN G 209 -22.92 -19.57 0.47
C GLN G 209 -21.87 -18.63 -0.08
N ASN G 210 -21.79 -18.58 -1.41
CA ASN G 210 -20.83 -17.73 -2.10
C ASN G 210 -19.37 -18.14 -1.95
N PHE G 211 -19.09 -19.43 -1.94
CA PHE G 211 -17.71 -19.84 -1.86
C PHE G 211 -17.25 -19.90 -3.30
N THR G 212 -15.94 -19.79 -3.52
CA THR G 212 -15.35 -19.84 -4.86
C THR G 212 -14.00 -20.54 -4.81
N SER G 213 -13.27 -20.41 -5.91
CA SER G 213 -11.94 -20.99 -6.04
C SER G 213 -10.93 -20.03 -5.43
N GLU G 214 -11.32 -18.77 -5.33
CA GLU G 214 -10.45 -17.75 -4.77
C GLU G 214 -10.70 -17.60 -3.26
N SER G 215 -11.70 -18.31 -2.74
CA SER G 215 -12.01 -18.25 -1.31
C SER G 215 -10.81 -18.65 -0.49
N LYS G 216 -10.55 -17.90 0.57
CA LYS G 216 -9.42 -18.20 1.44
C LYS G 216 -9.92 -18.41 2.86
N VAL G 217 -9.17 -19.17 3.64
CA VAL G 217 -9.56 -19.39 5.02
C VAL G 217 -8.42 -19.03 5.96
N VAL G 218 -8.67 -18.00 6.77
CA VAL G 218 -7.68 -17.53 7.74
C VAL G 218 -8.08 -17.90 9.17
N PHE G 219 -7.11 -18.29 9.98
CA PHE G 219 -7.30 -18.65 11.38
C PHE G 219 -6.56 -17.62 12.18
N THR G 220 -7.25 -16.97 13.11
CA THR G 220 -6.65 -15.93 13.94
C THR G 220 -6.92 -16.12 15.42
N GLU G 221 -6.28 -15.30 16.25
CA GLU G 221 -6.44 -15.34 17.69
C GLU G 221 -6.46 -13.91 18.28
N LYS G 222 -7.46 -13.65 19.12
CA LYS G 222 -7.60 -12.34 19.75
C LYS G 222 -7.21 -12.44 21.22
N THR G 223 -6.84 -11.30 21.80
CA THR G 223 -6.54 -11.24 23.21
C THR G 223 -7.84 -10.69 23.78
N THR G 224 -8.03 -10.77 25.09
CA THR G 224 -9.27 -10.28 25.70
C THR G 224 -9.54 -8.85 25.26
N ASP G 225 -8.47 -8.16 24.85
CA ASP G 225 -8.54 -6.78 24.40
C ASP G 225 -9.07 -6.68 22.98
N GLY G 226 -8.37 -7.33 22.06
CA GLY G 226 -8.76 -7.30 20.66
C GLY G 226 -7.51 -7.36 19.83
N GLN G 227 -6.37 -7.31 20.51
CA GLN G 227 -5.08 -7.37 19.87
C GLN G 227 -4.95 -8.73 19.21
N GLN G 228 -4.98 -8.77 17.88
CA GLN G 228 -4.83 -10.05 17.19
C GLN G 228 -3.37 -10.45 17.33
N ILE G 229 -3.14 -11.66 17.83
CA ILE G 229 -1.78 -12.14 18.07
C ILE G 229 -1.39 -13.35 17.22
N TRP G 230 -2.28 -13.76 16.31
CA TRP G 230 -1.98 -14.93 15.50
C TRP G 230 -2.76 -14.94 14.19
N GLU G 231 -2.05 -15.27 13.12
CA GLU G 231 -2.66 -15.34 11.81
C GLU G 231 -2.04 -16.51 11.07
N MET G 232 -2.86 -17.40 10.55
CA MET G 232 -2.35 -18.56 9.84
C MET G 232 -3.38 -18.97 8.81
N GLU G 233 -2.95 -19.17 7.56
CA GLU G 233 -3.91 -19.54 6.52
C GLU G 233 -4.13 -21.04 6.51
N ALA G 234 -5.33 -21.45 6.17
CA ALA G 234 -5.64 -22.88 6.12
C ALA G 234 -5.79 -23.33 4.69
N THR G 235 -5.07 -24.39 4.32
CA THR G 235 -5.15 -24.92 2.96
C THR G 235 -6.54 -25.42 2.60
N VAL G 236 -7.06 -24.92 1.47
CA VAL G 236 -8.36 -25.28 0.94
C VAL G 236 -8.19 -26.33 -0.14
N ASP G 237 -9.11 -27.28 -0.21
CA ASP G 237 -9.03 -28.31 -1.23
C ASP G 237 -9.86 -27.81 -2.40
N LYS G 238 -9.19 -27.08 -3.28
CA LYS G 238 -9.83 -26.53 -4.45
C LYS G 238 -10.42 -27.66 -5.28
N ASP G 239 -9.81 -28.84 -5.23
CA ASP G 239 -10.32 -29.95 -6.02
C ASP G 239 -11.67 -30.46 -5.53
N LYS G 240 -12.05 -30.12 -4.30
CA LYS G 240 -13.35 -30.57 -3.76
C LYS G 240 -14.30 -29.43 -3.39
N SER G 241 -13.74 -28.31 -2.95
CA SER G 241 -14.55 -27.15 -2.54
C SER G 241 -15.52 -26.67 -3.61
N GLN G 242 -16.78 -26.43 -3.22
CA GLN G 242 -17.84 -25.98 -4.13
C GLN G 242 -18.43 -24.61 -3.69
N PRO G 243 -19.38 -24.05 -4.45
CA PRO G 243 -19.91 -22.74 -4.01
C PRO G 243 -20.60 -22.69 -2.63
N ASN G 244 -21.06 -23.84 -2.14
CA ASN G 244 -21.71 -23.87 -0.85
C ASN G 244 -21.01 -24.78 0.15
N MET G 245 -19.86 -25.34 -0.25
CA MET G 245 -19.09 -26.21 0.63
C MET G 245 -17.59 -25.92 0.48
N LEU G 246 -16.96 -25.57 1.59
CA LEU G 246 -15.55 -25.26 1.52
C LEU G 246 -14.80 -26.28 2.38
N PHE G 247 -13.93 -27.04 1.73
CA PHE G 247 -13.12 -28.05 2.43
C PHE G 247 -11.85 -27.33 2.87
N VAL G 248 -11.48 -27.47 4.15
CA VAL G 248 -10.33 -26.76 4.68
C VAL G 248 -9.46 -27.63 5.56
N GLU G 249 -8.14 -27.46 5.48
CA GLU G 249 -7.27 -28.26 6.33
C GLU G 249 -6.95 -27.41 7.53
N ILE G 250 -7.33 -27.89 8.70
CA ILE G 250 -7.07 -27.15 9.93
C ILE G 250 -5.55 -27.05 10.11
N PRO G 251 -5.05 -25.83 10.32
CA PRO G 251 -3.63 -25.55 10.52
C PRO G 251 -3.12 -26.06 11.84
N GLU G 252 -1.80 -26.14 11.98
CA GLU G 252 -1.24 -26.55 13.25
C GLU G 252 -1.29 -25.30 14.12
N TYR G 253 -1.88 -25.41 15.30
CA TYR G 253 -1.97 -24.24 16.19
C TYR G 253 -0.57 -23.77 16.54
N ARG G 254 -0.43 -22.46 16.69
CA ARG G 254 0.87 -21.86 16.99
C ARG G 254 1.65 -22.41 18.17
N ASN G 255 1.02 -23.13 19.09
CA ASN G 255 1.72 -23.69 20.25
C ASN G 255 1.18 -25.07 20.68
N LYS G 256 1.97 -26.10 20.39
CA LYS G 256 1.55 -27.47 20.69
C LYS G 256 1.61 -27.82 22.17
N HIS G 257 2.21 -26.95 22.96
CA HIS G 257 2.36 -27.24 24.38
C HIS G 257 1.25 -26.78 25.31
N ILE G 258 0.28 -26.04 24.80
CA ILE G 258 -0.81 -25.61 25.63
C ILE G 258 -1.31 -26.79 26.49
N ARG G 259 -1.65 -26.50 27.74
CA ARG G 259 -2.14 -27.51 28.66
C ARG G 259 -3.64 -27.32 28.89
N THR G 260 -4.19 -26.28 28.28
CA THR G 260 -5.60 -25.96 28.40
C THR G 260 -6.14 -25.54 27.04
N PRO G 261 -7.35 -25.98 26.69
CA PRO G 261 -7.90 -25.61 25.39
C PRO G 261 -7.79 -24.11 25.17
N VAL G 262 -7.78 -23.70 23.91
CA VAL G 262 -7.72 -22.29 23.59
C VAL G 262 -8.66 -21.99 22.43
N LYS G 263 -9.50 -20.99 22.65
CA LYS G 263 -10.48 -20.55 21.66
C LYS G 263 -9.78 -19.73 20.60
N VAL G 264 -10.26 -19.83 19.38
CA VAL G 264 -9.68 -19.08 18.27
C VAL G 264 -10.79 -18.78 17.29
N ASN G 265 -10.48 -17.96 16.31
CA ASN G 265 -11.41 -17.59 15.28
C ASN G 265 -10.86 -18.06 13.94
N PHE G 266 -11.66 -17.89 12.89
CA PHE G 266 -11.25 -18.18 11.51
C PHE G 266 -12.34 -17.59 10.63
N TYR G 267 -11.95 -17.04 9.47
CA TYR G 267 -12.95 -16.49 8.55
C TYR G 267 -12.62 -16.91 7.12
N VAL G 268 -13.64 -16.80 6.27
CA VAL G 268 -13.47 -17.11 4.86
C VAL G 268 -13.38 -15.75 4.14
N ILE G 269 -12.34 -15.52 3.37
CA ILE G 269 -12.25 -14.26 2.66
C ILE G 269 -12.17 -14.45 1.13
N ASN G 270 -13.00 -13.66 0.44
CA ASN G 270 -13.05 -13.66 -1.02
C ASN G 270 -12.26 -12.46 -1.47
N GLY G 271 -11.32 -12.67 -2.37
CA GLY G 271 -10.53 -11.55 -2.81
C GLY G 271 -9.83 -11.07 -1.55
N LYS G 272 -9.48 -9.79 -1.48
CA LYS G 272 -8.79 -9.32 -0.29
C LYS G 272 -9.61 -8.38 0.57
N ARG G 273 -10.93 -8.40 0.45
CA ARG G 273 -11.75 -7.53 1.27
C ARG G 273 -13.01 -8.18 1.81
N LYS G 274 -13.64 -9.01 0.99
CA LYS G 274 -14.88 -9.68 1.36
C LYS G 274 -14.77 -10.86 2.32
N ARG G 275 -14.59 -10.57 3.60
CA ARG G 275 -14.48 -11.64 4.58
C ARG G 275 -15.83 -11.86 5.25
N SER G 276 -15.98 -13.04 5.85
CA SER G 276 -17.21 -13.40 6.56
C SER G 276 -16.96 -13.04 8.01
N GLN G 277 -18.03 -12.96 8.80
CA GLN G 277 -17.86 -12.63 10.20
C GLN G 277 -17.06 -13.73 10.84
N PRO G 278 -16.21 -13.38 11.81
CA PRO G 278 -15.38 -14.38 12.49
C PRO G 278 -16.18 -15.61 12.93
N GLN G 279 -15.57 -16.77 12.88
CA GLN G 279 -16.23 -17.99 13.32
C GLN G 279 -15.47 -18.54 14.52
N HIS G 280 -15.99 -19.59 15.14
CA HIS G 280 -15.34 -20.14 16.32
C HIS G 280 -14.79 -21.54 16.14
N PHE G 281 -13.65 -21.79 16.76
CA PHE G 281 -13.00 -23.08 16.72
C PHE G 281 -12.16 -23.17 17.98
N THR G 282 -11.93 -24.40 18.45
CA THR G 282 -11.14 -24.60 19.65
C THR G 282 -10.01 -25.61 19.42
N TYR G 283 -8.84 -25.31 19.97
CA TYR G 283 -7.71 -26.19 19.87
C TYR G 283 -7.49 -26.87 21.23
N HIS G 284 -7.39 -28.20 21.26
CA HIS G 284 -7.19 -28.89 22.52
C HIS G 284 -5.75 -29.34 22.75
N PRO G 285 -5.35 -29.41 24.03
CA PRO G 285 -3.98 -29.84 24.36
C PRO G 285 -3.85 -31.28 23.92
N VAL G 286 -2.64 -31.70 23.61
CA VAL G 286 -2.41 -33.06 23.17
C VAL G 286 -2.70 -34.01 24.33
N SER H 1 -28.34 46.07 -18.97
CA SER H 1 -29.47 46.27 -18.00
C SER H 1 -29.92 44.94 -17.38
N SER H 2 -29.31 43.86 -17.85
CA SER H 2 -29.61 42.51 -17.36
C SER H 2 -28.46 42.05 -16.48
N VAL H 3 -28.80 41.66 -15.24
CA VAL H 3 -27.83 41.23 -14.24
C VAL H 3 -27.23 39.85 -14.46
N PRO H 4 -25.95 39.68 -14.11
CA PRO H 4 -25.24 38.40 -14.24
C PRO H 4 -25.73 37.46 -13.15
N LEU H 5 -25.67 36.17 -13.41
CA LEU H 5 -26.12 35.19 -12.44
C LEU H 5 -25.15 35.05 -11.25
N GLU H 6 -23.90 35.43 -11.45
CA GLU H 6 -22.92 35.33 -10.37
C GLU H 6 -22.78 36.66 -9.61
N TRP H 7 -23.87 37.41 -9.52
CA TRP H 7 -23.82 38.67 -8.79
C TRP H 7 -24.28 38.44 -7.37
N PRO H 8 -23.82 39.29 -6.43
CA PRO H 8 -24.17 39.22 -5.02
C PRO H 8 -25.48 39.90 -4.59
N LEU H 9 -26.60 39.39 -5.06
CA LEU H 9 -27.88 39.96 -4.69
C LEU H 9 -28.29 39.41 -3.32
N SER H 10 -29.40 39.90 -2.79
CA SER H 10 -29.90 39.44 -1.51
C SER H 10 -31.39 39.19 -1.65
N SER H 11 -31.97 38.51 -0.68
CA SER H 11 -33.39 38.22 -0.74
C SER H 11 -34.23 39.41 -0.28
N GLN H 12 -33.59 40.32 0.43
CA GLN H 12 -34.32 41.48 0.95
C GLN H 12 -33.67 42.83 0.64
N SER H 13 -34.51 43.81 0.34
CA SER H 13 -34.01 45.14 0.06
C SER H 13 -34.50 46.09 1.16
N GLY H 14 -35.72 46.60 1.02
CA GLY H 14 -36.24 47.48 2.06
C GLY H 14 -37.62 46.97 2.39
N SER H 15 -38.60 47.44 1.65
CA SER H 15 -39.97 46.99 1.85
C SER H 15 -40.12 45.72 0.99
N TYR H 16 -39.01 45.32 0.36
CA TYR H 16 -38.99 44.17 -0.54
C TYR H 16 -38.33 42.90 0.00
N GLU H 17 -39.05 41.79 -0.05
CA GLU H 17 -38.48 40.52 0.38
C GLU H 17 -38.91 39.37 -0.55
N LEU H 18 -37.93 38.67 -1.09
CA LEU H 18 -38.18 37.51 -1.93
C LEU H 18 -38.03 36.35 -0.97
N ARG H 19 -39.09 35.55 -0.84
CA ARG H 19 -39.05 34.43 0.11
C ARG H 19 -39.50 33.07 -0.37
N ILE H 20 -38.80 32.04 0.08
CA ILE H 20 -39.15 30.67 -0.26
C ILE H 20 -40.18 30.25 0.77
N GLU H 21 -41.44 30.32 0.38
CA GLU H 21 -42.55 29.95 1.25
C GLU H 21 -42.63 28.43 1.48
N VAL H 22 -42.28 27.65 0.45
CA VAL H 22 -42.31 26.18 0.54
C VAL H 22 -41.04 25.61 -0.07
N GLN H 23 -40.16 25.13 0.80
CA GLN H 23 -38.88 24.56 0.39
C GLN H 23 -39.11 23.25 -0.33
N PRO H 24 -38.18 22.84 -1.21
CA PRO H 24 -38.32 21.56 -1.92
C PRO H 24 -37.81 20.42 -1.05
N LYS H 25 -38.12 19.18 -1.42
CA LYS H 25 -37.64 18.03 -0.66
C LYS H 25 -36.13 18.12 -0.66
N PRO H 26 -35.47 17.52 0.33
CA PRO H 26 -34.01 17.57 0.36
C PRO H 26 -33.37 16.61 -0.64
N HIS H 27 -34.19 15.88 -1.39
CA HIS H 27 -33.74 14.92 -2.39
C HIS H 27 -34.58 14.98 -3.68
N HIS H 28 -33.91 14.88 -4.82
CA HIS H 28 -34.60 14.85 -6.11
C HIS H 28 -33.63 14.29 -7.12
N ARG H 29 -33.99 13.13 -7.65
CA ARG H 29 -33.15 12.45 -8.63
C ARG H 29 -33.26 13.15 -9.96
N ALA H 30 -32.15 13.72 -10.41
CA ALA H 30 -32.11 14.42 -11.69
C ALA H 30 -32.07 13.43 -12.84
N HIS H 31 -32.61 13.84 -13.98
CA HIS H 31 -32.62 12.97 -15.15
C HIS H 31 -31.52 13.38 -16.11
N TYR H 32 -30.97 12.42 -16.87
CA TYR H 32 -29.94 12.77 -17.82
C TYR H 32 -30.55 13.13 -19.18
N GLU H 33 -29.76 13.73 -20.07
CA GLU H 33 -30.29 14.10 -21.38
C GLU H 33 -30.68 12.83 -22.14
N THR H 34 -30.14 11.69 -21.70
CA THR H 34 -30.42 10.43 -22.35
C THR H 34 -31.71 9.77 -21.87
N GLU H 35 -32.18 10.15 -20.69
CA GLU H 35 -33.41 9.58 -20.15
C GLU H 35 -34.51 10.57 -20.39
N GLY H 36 -35.74 10.08 -20.32
CA GLY H 36 -36.86 10.97 -20.49
C GLY H 36 -36.91 11.74 -19.20
N SER H 37 -37.58 12.89 -19.20
CA SER H 37 -37.69 13.72 -17.99
C SER H 37 -38.13 13.00 -16.71
N ARG H 38 -37.43 13.27 -15.60
CA ARG H 38 -37.82 12.67 -14.34
C ARG H 38 -38.76 13.54 -13.47
N GLY H 39 -39.35 14.59 -14.03
CA GLY H 39 -40.27 15.37 -13.24
C GLY H 39 -39.83 16.64 -12.53
N ALA H 40 -40.82 17.35 -12.02
CA ALA H 40 -40.58 18.61 -11.31
C ALA H 40 -40.16 18.41 -9.87
N VAL H 41 -39.35 19.32 -9.37
CA VAL H 41 -38.91 19.26 -8.00
C VAL H 41 -40.14 19.37 -7.12
N LYS H 42 -40.17 18.67 -6.00
CA LYS H 42 -41.35 18.72 -5.16
C LYS H 42 -41.09 19.09 -3.71
N ALA H 43 -42.18 19.29 -2.99
CA ALA H 43 -42.10 19.64 -1.57
C ALA H 43 -42.35 18.34 -0.81
N PRO H 44 -41.77 18.20 0.39
CA PRO H 44 -41.94 16.98 1.19
C PRO H 44 -43.36 16.46 1.34
N THR H 45 -44.35 17.20 0.85
CA THR H 45 -45.74 16.79 1.00
C THR H 45 -46.38 16.21 -0.24
N GLY H 46 -45.65 16.20 -1.35
CA GLY H 46 -46.23 15.70 -2.57
C GLY H 46 -46.60 16.89 -3.45
N GLY H 47 -46.63 18.08 -2.83
CA GLY H 47 -46.94 19.31 -3.54
C GLY H 47 -45.65 19.90 -4.08
N HIS H 48 -45.67 21.18 -4.43
CA HIS H 48 -44.49 21.82 -4.97
C HIS H 48 -43.98 23.04 -4.20
N PRO H 49 -42.73 23.44 -4.45
CA PRO H 49 -42.16 24.59 -3.76
C PRO H 49 -42.98 25.85 -4.11
N VAL H 50 -42.89 26.86 -3.26
CA VAL H 50 -43.64 28.10 -3.48
C VAL H 50 -42.76 29.30 -3.16
N VAL H 51 -42.78 30.29 -4.05
CA VAL H 51 -42.00 31.50 -3.83
C VAL H 51 -42.88 32.75 -3.89
N GLN H 52 -42.57 33.70 -3.02
CA GLN H 52 -43.33 34.94 -2.95
C GLN H 52 -42.47 36.18 -2.71
N LEU H 53 -42.89 37.26 -3.37
CA LEU H 53 -42.26 38.57 -3.25
C LEU H 53 -43.26 39.28 -2.33
N HIS H 54 -42.79 39.98 -1.31
CA HIS H 54 -43.77 40.60 -0.42
C HIS H 54 -44.19 42.07 -0.53
N GLY H 55 -43.27 43.01 -0.29
CA GLY H 55 -43.67 44.42 -0.34
C GLY H 55 -43.80 45.09 -1.70
N TYR H 56 -44.60 44.50 -2.59
CA TYR H 56 -44.79 45.02 -3.95
C TYR H 56 -46.22 45.44 -4.15
N MET H 57 -46.44 46.74 -4.34
CA MET H 57 -47.80 47.24 -4.51
C MET H 57 -48.25 47.51 -5.93
N GLU H 58 -47.33 47.53 -6.89
CA GLU H 58 -47.74 47.77 -8.26
C GLU H 58 -48.69 46.66 -8.69
N ASN H 59 -49.25 46.77 -9.89
CA ASN H 59 -50.17 45.76 -10.38
C ASN H 59 -49.74 45.17 -11.73
N LYS H 60 -48.45 45.22 -12.02
CA LYS H 60 -47.93 44.67 -13.26
C LYS H 60 -47.14 43.39 -12.95
N PRO H 61 -47.65 42.23 -13.41
CA PRO H 61 -46.96 40.97 -13.15
C PRO H 61 -45.48 41.06 -13.48
N LEU H 62 -44.67 40.47 -12.61
CA LEU H 62 -43.23 40.44 -12.80
C LEU H 62 -42.84 39.06 -13.31
N GLY H 63 -41.56 38.85 -13.57
CA GLY H 63 -41.12 37.55 -14.03
C GLY H 63 -40.16 36.97 -13.01
N LEU H 64 -40.51 35.81 -12.45
CA LEU H 64 -39.65 35.16 -11.47
C LEU H 64 -38.65 34.29 -12.24
N GLN H 65 -37.36 34.59 -12.10
CA GLN H 65 -36.33 33.83 -12.79
C GLN H 65 -35.94 32.62 -11.95
N ILE H 66 -35.78 31.47 -12.62
CA ILE H 66 -35.42 30.23 -11.95
C ILE H 66 -34.21 29.57 -12.58
N PHE H 67 -33.25 29.18 -11.76
CA PHE H 67 -32.09 28.48 -12.27
C PHE H 67 -31.48 27.62 -11.17
N ILE H 68 -30.59 26.72 -11.54
CA ILE H 68 -29.97 25.81 -10.60
C ILE H 68 -28.59 26.26 -10.22
N GLY H 69 -28.33 26.35 -8.92
CA GLY H 69 -27.02 26.79 -8.49
C GLY H 69 -26.29 25.86 -7.56
N THR H 70 -25.07 26.23 -7.22
CA THR H 70 -24.23 25.43 -6.34
C THR H 70 -24.92 25.37 -4.99
N ALA H 71 -24.53 24.39 -4.18
CA ALA H 71 -25.13 24.25 -2.88
C ALA H 71 -24.17 24.60 -1.76
N ASP H 72 -22.98 24.18 -1.82
CA ASP H 72 -22.04 24.26 -0.69
C ASP H 72 -20.83 25.17 -1.00
N GLU H 73 -20.34 25.79 -0.79
CA GLU H 73 -19.15 26.53 -0.39
C GLU H 73 -19.01 27.81 -1.21
N ARG H 74 -18.30 28.76 -0.59
CA ARG H 74 -18.03 30.01 -1.31
C ARG H 74 -19.33 30.82 -1.66
N ILE H 75 -19.26 31.57 -2.77
CA ILE H 75 -20.39 32.36 -3.22
C ILE H 75 -21.29 31.50 -4.08
N LEU H 76 -22.58 31.79 -4.08
CA LEU H 76 -23.53 31.03 -4.86
C LEU H 76 -23.40 31.41 -6.33
N LYS H 77 -23.30 30.41 -7.21
CA LYS H 77 -23.22 30.65 -8.64
C LYS H 77 -23.97 29.53 -9.33
N PRO H 78 -24.24 29.66 -10.63
CA PRO H 78 -24.96 28.59 -11.31
C PRO H 78 -24.14 27.30 -11.24
N HIS H 79 -24.81 26.15 -11.15
CA HIS H 79 -24.10 24.89 -11.10
C HIS H 79 -23.74 24.47 -12.54
N ALA H 80 -22.46 24.35 -12.84
CA ALA H 80 -22.03 23.97 -14.19
C ALA H 80 -22.52 22.59 -14.69
N PHE H 81 -22.74 21.68 -13.75
CA PHE H 81 -23.18 20.33 -14.04
C PHE H 81 -24.66 20.06 -13.93
N TYR H 82 -25.45 21.09 -13.69
CA TYR H 82 -26.90 20.91 -13.59
C TYR H 82 -27.63 22.04 -14.25
N GLN H 83 -28.84 21.75 -14.71
CA GLN H 83 -29.61 22.74 -15.43
C GLN H 83 -31.09 22.63 -15.08
N VAL H 84 -31.79 23.76 -15.01
CA VAL H 84 -33.20 23.68 -14.70
C VAL H 84 -33.76 23.03 -15.94
N HIS H 85 -34.95 22.45 -15.82
CA HIS H 85 -35.61 21.79 -16.93
C HIS H 85 -37.11 22.09 -16.90
N ARG H 86 -37.61 22.66 -18.00
CA ARG H 86 -39.02 23.03 -18.10
C ARG H 86 -39.93 21.83 -18.29
N ILE H 87 -40.87 21.65 -17.36
CA ILE H 87 -41.80 20.54 -17.45
C ILE H 87 -42.92 20.99 -18.37
N THR H 88 -43.06 20.25 -19.48
CA THR H 88 -44.05 20.54 -20.50
C THR H 88 -45.35 20.98 -19.84
N GLY H 89 -45.77 22.20 -20.15
CA GLY H 89 -47.00 22.74 -19.59
C GLY H 89 -48.19 21.80 -19.78
N LYS H 90 -48.18 20.68 -19.07
CA LYS H 90 -49.25 19.69 -19.17
C LYS H 90 -50.45 20.16 -18.38
N THR H 91 -51.54 19.43 -18.50
CA THR H 91 -52.75 19.77 -17.78
C THR H 91 -52.43 19.97 -16.32
N VAL H 92 -51.58 19.10 -15.76
CA VAL H 92 -51.21 19.23 -14.36
C VAL H 92 -50.39 20.49 -14.09
N THR H 93 -49.24 20.66 -14.76
CA THR H 93 -48.41 21.85 -14.53
C THR H 93 -49.30 23.09 -14.63
N THR H 94 -49.47 23.80 -13.53
CA THR H 94 -50.33 24.98 -13.54
C THR H 94 -49.64 26.31 -13.78
N THR H 95 -48.32 26.33 -13.74
CA THR H 95 -47.59 27.58 -13.95
C THR H 95 -46.99 27.68 -15.36
N SER H 96 -47.10 28.86 -15.98
CA SER H 96 -46.52 29.10 -17.29
C SER H 96 -45.03 29.35 -17.15
N TYR H 97 -44.26 28.79 -18.06
CA TYR H 97 -42.81 28.91 -18.02
C TYR H 97 -42.32 29.53 -19.32
N GLU H 98 -41.01 29.71 -19.40
CA GLU H 98 -40.38 30.26 -20.56
C GLU H 98 -38.91 30.11 -20.25
N LYS H 99 -38.15 29.49 -21.15
CA LYS H 99 -36.72 29.31 -20.90
C LYS H 99 -35.82 30.08 -21.87
N ILE H 100 -34.60 30.36 -21.41
CA ILE H 100 -33.60 31.09 -22.18
C ILE H 100 -32.22 30.62 -21.70
N VAL H 101 -31.15 31.31 -22.10
CA VAL H 101 -29.81 30.88 -21.69
C VAL H 101 -28.84 31.93 -21.10
N GLY H 102 -27.56 31.58 -21.07
CA GLY H 102 -26.48 32.42 -20.55
C GLY H 102 -25.47 31.40 -20.08
N ASN H 103 -25.25 30.40 -20.94
CA ASN H 103 -24.40 29.23 -20.71
C ASN H 103 -25.08 28.33 -19.66
N THR H 104 -26.10 28.87 -18.99
CA THR H 104 -26.85 28.12 -17.99
C THR H 104 -28.32 28.51 -18.10
N LYS H 105 -29.16 27.55 -18.47
CA LYS H 105 -30.58 27.78 -18.65
C LYS H 105 -31.28 28.49 -17.48
N VAL H 106 -32.25 29.32 -17.81
CA VAL H 106 -33.01 30.06 -16.82
C VAL H 106 -34.47 29.94 -17.16
N LEU H 107 -35.30 29.55 -16.20
CA LEU H 107 -36.71 29.44 -16.48
C LEU H 107 -37.35 30.67 -15.87
N GLU H 108 -38.37 31.21 -16.54
CA GLU H 108 -39.04 32.38 -16.03
C GLU H 108 -40.55 32.14 -16.00
N ILE H 109 -41.16 32.48 -14.88
CA ILE H 109 -42.59 32.29 -14.75
C ILE H 109 -43.25 33.58 -14.24
N PRO H 110 -44.56 33.72 -14.48
CA PRO H 110 -45.21 34.94 -14.01
C PRO H 110 -45.43 34.98 -12.51
N LEU H 111 -45.24 36.17 -11.96
CA LEU H 111 -45.44 36.43 -10.54
C LEU H 111 -46.54 37.48 -10.64
N GLU H 112 -47.79 37.06 -10.43
CA GLU H 112 -48.90 37.99 -10.56
C GLU H 112 -49.55 38.46 -9.27
N PRO H 113 -49.80 39.78 -9.15
CA PRO H 113 -50.42 40.36 -7.95
C PRO H 113 -51.82 39.78 -7.72
N LYS H 114 -52.41 39.22 -8.77
CA LYS H 114 -53.73 38.61 -8.68
C LYS H 114 -53.60 37.41 -7.73
N ASN H 115 -52.36 36.97 -7.54
CA ASN H 115 -52.05 35.83 -6.68
C ASN H 115 -51.17 36.24 -5.49
N ASN H 116 -51.05 37.55 -5.22
CA ASN H 116 -50.22 38.04 -4.13
C ASN H 116 -48.74 37.86 -4.41
N MET H 117 -48.38 37.85 -5.68
CA MET H 117 -46.97 37.67 -6.05
C MET H 117 -46.38 36.40 -5.44
N ARG H 118 -47.13 35.30 -5.48
CA ARG H 118 -46.62 34.04 -4.98
C ARG H 118 -46.84 32.97 -6.03
N ALA H 119 -45.75 32.34 -6.48
CA ALA H 119 -45.86 31.30 -7.50
C ALA H 119 -45.57 29.90 -6.98
N THR H 120 -46.33 28.96 -7.50
CA THR H 120 -46.17 27.55 -7.19
C THR H 120 -45.26 27.01 -8.28
N ILE H 121 -44.02 26.67 -7.94
CA ILE H 121 -43.09 26.13 -8.93
C ILE H 121 -43.31 24.64 -9.17
N ASP H 122 -44.17 24.32 -10.13
CA ASP H 122 -44.47 22.94 -10.47
C ASP H 122 -44.07 22.67 -11.93
N CYS H 123 -43.20 23.51 -12.47
CA CYS H 123 -42.77 23.40 -13.86
C CYS H 123 -41.27 23.28 -14.01
N ALA H 124 -40.58 22.92 -12.93
CA ALA H 124 -39.12 22.82 -12.96
C ALA H 124 -38.52 21.47 -12.58
N GLY H 125 -37.69 20.94 -13.47
CA GLY H 125 -37.03 19.67 -13.22
C GLY H 125 -35.55 19.94 -13.14
N ILE H 126 -34.74 18.91 -13.01
CA ILE H 126 -33.31 19.11 -12.96
C ILE H 126 -32.64 18.17 -13.94
N LEU H 127 -31.81 18.74 -14.79
CA LEU H 127 -31.08 17.99 -15.81
C LEU H 127 -29.66 17.86 -15.35
N LYS H 128 -29.13 16.63 -15.35
CA LYS H 128 -27.76 16.43 -14.98
C LYS H 128 -27.00 16.50 -16.28
N LEU H 129 -25.82 17.10 -16.26
CA LEU H 129 -25.00 17.24 -17.44
C LEU H 129 -23.80 16.35 -17.21
N ARG H 130 -23.28 15.75 -18.28
CA ARG H 130 -22.15 14.84 -18.14
C ARG H 130 -20.92 15.57 -17.62
N ASN H 131 -20.29 15.01 -16.61
CA ASN H 131 -19.13 15.63 -16.05
C ASN H 131 -18.03 15.92 -17.05
N ALA H 132 -17.77 14.99 -17.96
CA ALA H 132 -16.74 15.19 -18.96
C ALA H 132 -17.08 16.27 -19.99
N ASP H 133 -18.36 16.44 -20.31
CA ASP H 133 -18.72 17.49 -21.25
C ASP H 133 -18.35 18.83 -20.59
N ILE H 134 -18.65 18.97 -19.30
CA ILE H 134 -18.37 20.22 -18.63
C ILE H 134 -16.88 20.45 -18.37
N GLU H 135 -16.28 19.59 -17.56
CA GLU H 135 -14.86 19.71 -17.21
C GLU H 135 -13.94 19.87 -18.42
N LEU H 136 -14.48 19.66 -19.62
CA LEU H 136 -13.69 19.76 -20.83
C LEU H 136 -13.60 21.19 -21.38
N ARG H 137 -14.54 22.05 -21.02
CA ARG H 137 -14.52 23.42 -21.51
C ARG H 137 -13.27 24.15 -21.03
N LYS H 138 -12.70 24.98 -21.90
CA LYS H 138 -11.48 25.74 -21.59
C LYS H 138 -11.60 26.48 -20.26
N GLY H 139 -12.82 26.90 -19.94
CA GLY H 139 -13.04 27.59 -18.69
C GLY H 139 -12.68 26.71 -17.51
N GLU H 140 -11.94 27.27 -16.56
CA GLU H 140 -11.52 26.52 -15.38
C GLU H 140 -12.68 26.34 -14.41
N THR H 141 -13.53 25.37 -14.69
CA THR H 141 -14.68 25.09 -13.85
C THR H 141 -14.30 24.19 -12.67
N ASP H 142 -15.31 23.59 -12.04
CA ASP H 142 -15.11 22.70 -10.91
C ASP H 142 -14.96 21.24 -11.32
N ILE H 143 -15.19 20.35 -10.36
CA ILE H 143 -15.10 18.92 -10.59
C ILE H 143 -16.46 18.29 -10.35
N GLY H 144 -16.96 17.58 -11.36
CA GLY H 144 -18.26 16.93 -11.26
C GLY H 144 -18.36 15.83 -10.22
N ARG H 145 -17.35 14.98 -10.11
CA ARG H 145 -17.39 13.87 -9.16
C ARG H 145 -17.83 14.31 -7.76
N LYS H 146 -18.81 13.59 -7.21
CA LYS H 146 -19.30 13.88 -5.88
C LYS H 146 -19.79 15.30 -5.71
N ASN H 147 -20.14 15.97 -6.79
CA ASN H 147 -20.61 17.33 -6.71
C ASN H 147 -22.08 17.31 -7.10
N THR H 148 -22.86 16.53 -6.35
CA THR H 148 -24.28 16.35 -6.64
C THR H 148 -25.29 17.12 -5.82
N ARG H 149 -24.87 18.16 -5.13
CA ARG H 149 -25.83 18.94 -4.34
C ARG H 149 -26.12 20.27 -5.02
N VAL H 150 -27.39 20.56 -5.22
CA VAL H 150 -27.77 21.80 -5.85
C VAL H 150 -28.70 22.61 -4.98
N ARG H 151 -29.17 23.72 -5.55
CA ARG H 151 -30.06 24.62 -4.86
C ARG H 151 -30.90 25.40 -5.85
N LEU H 152 -32.22 25.44 -5.64
CA LEU H 152 -33.10 26.20 -6.54
C LEU H 152 -32.81 27.67 -6.29
N VAL H 153 -32.68 28.46 -7.36
CA VAL H 153 -32.38 29.88 -7.22
C VAL H 153 -33.37 30.76 -7.97
N PHE H 154 -34.04 31.62 -7.22
CA PHE H 154 -35.05 32.51 -7.80
C PHE H 154 -34.54 33.94 -7.82
N ARG H 155 -34.99 34.70 -8.80
CA ARG H 155 -34.63 36.11 -8.95
C ARG H 155 -35.79 36.90 -9.48
N VAL H 156 -35.83 38.16 -9.07
CA VAL H 156 -36.85 39.11 -9.53
C VAL H 156 -36.19 40.46 -9.67
N HIS H 157 -36.67 41.22 -10.64
CA HIS H 157 -36.16 42.55 -10.88
C HIS H 157 -37.36 43.48 -10.83
N ILE H 158 -37.41 44.32 -9.80
CA ILE H 158 -38.52 45.24 -9.67
C ILE H 158 -38.21 46.60 -10.31
N PRO H 159 -38.97 46.98 -11.34
CA PRO H 159 -38.70 48.27 -11.95
C PRO H 159 -39.43 49.30 -11.10
N GLU H 160 -38.73 50.38 -10.74
CA GLU H 160 -39.35 51.41 -9.94
C GLU H 160 -39.70 52.63 -10.79
N SER H 161 -39.86 53.77 -10.13
CA SER H 161 -40.20 55.00 -10.82
C SER H 161 -38.95 55.68 -11.35
N SER H 162 -37.99 55.90 -10.46
CA SER H 162 -36.73 56.55 -10.82
C SER H 162 -36.03 55.87 -11.99
N GLY H 163 -36.50 54.68 -12.37
CA GLY H 163 -35.89 53.95 -13.46
C GLY H 163 -34.90 52.92 -12.94
N ARG H 164 -34.72 52.95 -11.62
CA ARG H 164 -33.81 52.03 -10.93
C ARG H 164 -34.57 50.75 -10.61
N ILE H 165 -34.04 49.62 -11.04
CA ILE H 165 -34.67 48.33 -10.79
C ILE H 165 -34.00 47.66 -9.60
N VAL H 166 -34.83 47.18 -8.66
CA VAL H 166 -34.34 46.50 -7.47
C VAL H 166 -34.25 45.01 -7.80
N SER H 167 -33.11 44.41 -7.50
CA SER H 167 -32.92 43.00 -7.80
C SER H 167 -32.82 42.09 -6.56
N LEU H 168 -33.74 41.14 -6.48
CA LEU H 168 -33.77 40.23 -5.35
C LEU H 168 -33.52 38.78 -5.74
N GLN H 169 -32.81 38.07 -4.87
CA GLN H 169 -32.50 36.68 -5.13
C GLN H 169 -32.55 35.81 -3.88
N THR H 170 -33.11 34.62 -4.04
CA THR H 170 -33.22 33.71 -2.92
C THR H 170 -32.94 32.25 -3.28
N ALA H 171 -32.14 31.59 -2.47
CA ALA H 171 -31.78 30.21 -2.70
C ALA H 171 -32.48 29.25 -1.74
N SER H 172 -32.94 28.12 -2.26
CA SER H 172 -33.64 27.13 -1.45
C SER H 172 -32.63 26.34 -0.65
N ASN H 173 -33.12 25.39 0.14
CA ASN H 173 -32.24 24.51 0.91
C ASN H 173 -31.48 23.61 -0.12
N PRO H 174 -30.39 22.99 0.32
CA PRO H 174 -29.66 22.14 -0.62
C PRO H 174 -30.53 20.97 -1.05
N ILE H 175 -30.29 20.48 -2.25
CA ILE H 175 -31.03 19.34 -2.77
C ILE H 175 -30.01 18.30 -3.23
N GLU H 176 -30.10 17.10 -2.68
CA GLU H 176 -29.20 16.02 -3.05
C GLU H 176 -29.72 15.49 -4.39
N CYS H 177 -28.83 15.35 -5.35
CA CYS H 177 -29.29 14.89 -6.65
C CYS H 177 -28.89 13.49 -7.12
N SER H 178 -28.02 12.82 -6.38
CA SER H 178 -27.60 11.46 -6.78
C SER H 178 -28.73 10.47 -6.51
N GLN H 179 -28.74 9.36 -7.24
CA GLN H 179 -29.76 8.33 -7.09
C GLN H 179 -29.71 7.74 -5.68
N ARG H 180 -30.87 7.31 -5.19
CA ARG H 180 -30.94 6.78 -3.84
C ARG H 180 -30.72 5.29 -3.76
N SER H 181 -29.53 4.89 -3.31
CA SER H 181 -29.37 3.52 -2.98
C SER H 181 -30.77 3.40 -2.40
N ALA H 182 -31.49 2.31 -2.63
CA ALA H 182 -32.82 2.14 -2.08
C ALA H 182 -32.82 1.08 -1.00
N HIS H 183 -31.71 0.37 -0.90
CA HIS H 183 -31.54 -0.69 0.09
C HIS H 183 -30.11 -1.04 0.34
N GLU H 184 -29.72 -1.10 1.60
CA GLU H 184 -28.35 -1.44 1.96
C GLU H 184 -28.27 -2.74 2.75
N LEU H 185 -27.18 -3.45 2.55
CA LEU H 185 -26.91 -4.72 3.19
C LEU H 185 -27.03 -4.65 4.71
N PRO H 186 -28.04 -5.31 5.30
CA PRO H 186 -28.18 -5.28 6.76
C PRO H 186 -26.97 -5.95 7.43
N MET H 187 -26.61 -5.48 8.63
CA MET H 187 -25.47 -6.04 9.34
C MET H 187 -25.78 -6.25 10.81
N VAL H 188 -25.57 -7.47 11.29
CA VAL H 188 -25.83 -7.77 12.68
C VAL H 188 -24.50 -7.77 13.43
N GLU H 189 -24.33 -6.79 14.32
CA GLU H 189 -23.10 -6.68 15.10
C GLU H 189 -23.19 -7.41 16.43
N ARG H 190 -24.39 -7.50 17.00
CA ARG H 190 -24.57 -8.16 18.29
C ARG H 190 -25.94 -8.80 18.42
N GLN H 191 -26.10 -9.65 19.43
CA GLN H 191 -27.39 -10.28 19.71
C GLN H 191 -27.40 -10.58 21.22
N ASP H 192 -28.55 -10.41 21.85
CA ASP H 192 -28.64 -10.65 23.30
C ASP H 192 -29.21 -12.00 23.65
N THR H 193 -29.18 -12.93 22.71
CA THR H 193 -29.73 -14.25 22.98
C THR H 193 -29.06 -15.28 22.08
N ASP H 194 -28.54 -16.33 22.70
CA ASP H 194 -27.87 -17.40 21.96
C ASP H 194 -28.72 -18.65 22.05
N SER H 195 -29.39 -18.81 23.19
CA SER H 195 -30.22 -19.98 23.45
C SER H 195 -31.68 -19.69 23.66
N CYS H 196 -32.45 -20.77 23.65
CA CYS H 196 -33.89 -20.70 23.84
C CYS H 196 -34.39 -22.14 23.76
N LEU H 197 -35.58 -22.38 24.29
CA LEU H 197 -36.15 -23.71 24.24
C LEU H 197 -36.84 -23.86 22.89
N VAL H 198 -36.99 -25.12 22.46
CA VAL H 198 -37.65 -25.44 21.19
C VAL H 198 -39.04 -24.83 21.07
N TYR H 199 -39.57 -24.32 22.18
CA TYR H 199 -40.90 -23.73 22.12
C TYR H 199 -40.78 -22.34 21.56
N GLY H 200 -39.57 -21.78 21.62
CA GLY H 200 -39.37 -20.43 21.12
C GLY H 200 -40.25 -19.45 21.88
N GLY H 201 -40.82 -18.48 21.17
CA GLY H 201 -41.68 -17.50 21.81
C GLY H 201 -40.97 -16.31 22.43
N GLN H 202 -39.75 -16.50 22.92
CA GLN H 202 -38.98 -15.44 23.57
C GLN H 202 -38.64 -14.33 22.59
N GLN H 203 -38.04 -13.25 23.10
CA GLN H 203 -37.66 -12.13 22.23
C GLN H 203 -36.16 -11.95 22.12
N MET H 204 -35.68 -11.76 20.89
CA MET H 204 -34.26 -11.56 20.66
C MET H 204 -34.04 -10.16 20.08
N ILE H 205 -33.05 -9.46 20.62
CA ILE H 205 -32.71 -8.10 20.18
C ILE H 205 -31.42 -8.09 19.38
N LEU H 206 -31.51 -7.57 18.17
CA LEU H 206 -30.36 -7.52 17.28
C LEU H 206 -29.84 -6.12 17.05
N THR H 207 -28.64 -5.87 17.52
CA THR H 207 -28.00 -4.57 17.33
C THR H 207 -27.17 -4.67 16.05
N GLY H 208 -27.29 -3.66 15.20
CA GLY H 208 -26.55 -3.67 13.95
C GLY H 208 -26.74 -2.39 13.16
N GLN H 209 -26.79 -2.53 11.84
CA GLN H 209 -26.97 -1.38 10.94
C GLN H 209 -27.90 -1.71 9.80
N ASN H 210 -28.34 -0.65 9.14
CA ASN H 210 -29.19 -0.78 7.97
C ASN H 210 -30.48 -1.53 8.20
N PHE H 211 -30.98 -1.50 9.43
CA PHE H 211 -32.24 -2.16 9.70
C PHE H 211 -33.35 -1.17 9.36
N THR H 212 -34.41 -1.67 8.73
CA THR H 212 -35.54 -0.83 8.35
C THR H 212 -36.82 -1.54 8.77
N SER H 213 -37.95 -0.84 8.67
CA SER H 213 -39.23 -1.42 9.04
C SER H 213 -39.56 -2.59 8.12
N GLU H 214 -39.07 -2.52 6.89
CA GLU H 214 -39.31 -3.58 5.90
C GLU H 214 -38.51 -4.84 6.22
N SER H 215 -37.45 -4.67 7.00
CA SER H 215 -36.57 -5.77 7.39
C SER H 215 -37.29 -7.05 7.83
N LYS H 216 -36.68 -8.18 7.53
CA LYS H 216 -37.24 -9.48 7.90
C LYS H 216 -36.17 -10.38 8.53
N VAL H 217 -36.61 -11.44 9.18
CA VAL H 217 -35.71 -12.38 9.85
C VAL H 217 -36.19 -13.79 9.56
N VAL H 218 -35.26 -14.65 9.16
CA VAL H 218 -35.63 -16.03 8.87
C VAL H 218 -34.70 -17.00 9.56
N PHE H 219 -35.27 -18.07 10.11
CA PHE H 219 -34.49 -19.09 10.77
C PHE H 219 -34.35 -20.27 9.81
N THR H 220 -33.13 -20.76 9.67
CA THR H 220 -32.87 -21.85 8.75
C THR H 220 -31.94 -22.91 9.33
N GLU H 221 -32.01 -24.11 8.76
CA GLU H 221 -31.18 -25.25 9.15
C GLU H 221 -30.83 -26.05 7.88
N LYS H 222 -29.60 -26.55 7.79
CA LYS H 222 -29.28 -27.32 6.61
C LYS H 222 -28.24 -28.40 6.81
N THR H 223 -28.29 -29.41 5.95
CA THR H 223 -27.36 -30.53 5.99
C THR H 223 -25.96 -29.99 5.70
N THR H 224 -24.93 -30.79 5.93
CA THR H 224 -23.60 -30.26 5.65
C THR H 224 -23.34 -30.09 4.15
N ASP H 225 -24.23 -30.63 3.31
CA ASP H 225 -24.07 -30.48 1.88
C ASP H 225 -25.08 -29.48 1.33
N GLY H 226 -25.59 -28.62 2.19
CA GLY H 226 -26.51 -27.56 1.77
C GLY H 226 -28.01 -27.77 1.68
N GLN H 227 -28.50 -29.00 1.84
CA GLN H 227 -29.94 -29.23 1.77
C GLN H 227 -30.58 -28.43 2.91
N GLN H 228 -31.62 -27.67 2.62
CA GLN H 228 -32.28 -26.92 3.68
C GLN H 228 -33.32 -27.87 4.25
N ILE H 229 -33.28 -28.07 5.57
CA ILE H 229 -34.20 -28.98 6.23
C ILE H 229 -35.16 -28.27 7.15
N TRP H 230 -35.09 -26.94 7.18
CA TRP H 230 -35.96 -26.13 8.03
C TRP H 230 -35.86 -24.65 7.68
N GLU H 231 -37.01 -23.99 7.57
CA GLU H 231 -37.02 -22.57 7.26
C GLU H 231 -38.23 -21.95 7.91
N MET H 232 -38.00 -20.98 8.79
CA MET H 232 -39.10 -20.30 9.49
C MET H 232 -38.85 -18.81 9.66
N GLU H 233 -39.82 -18.00 9.25
CA GLU H 233 -39.67 -16.55 9.40
C GLU H 233 -40.03 -16.21 10.83
N ALA H 234 -39.17 -15.46 11.49
CA ALA H 234 -39.46 -15.06 12.85
C ALA H 234 -40.23 -13.76 12.68
N THR H 235 -41.15 -13.49 13.60
CA THR H 235 -41.94 -12.28 13.53
C THR H 235 -41.22 -11.09 14.17
N VAL H 236 -41.05 -10.01 13.41
CA VAL H 236 -40.39 -8.81 13.92
C VAL H 236 -41.44 -7.88 14.54
N ASP H 237 -41.10 -7.29 15.68
CA ASP H 237 -42.02 -6.36 16.36
C ASP H 237 -41.90 -5.02 15.65
N LYS H 238 -42.52 -4.95 14.47
CA LYS H 238 -42.50 -3.76 13.64
C LYS H 238 -42.41 -2.45 14.43
N ASP H 239 -43.34 -2.25 15.35
CA ASP H 239 -43.41 -1.03 16.16
C ASP H 239 -42.09 -0.53 16.78
N LYS H 240 -41.53 -1.30 17.69
CA LYS H 240 -40.30 -0.91 18.38
C LYS H 240 -39.02 -1.05 17.56
N SER H 241 -39.15 -1.29 16.25
CA SER H 241 -37.98 -1.48 15.37
C SER H 241 -37.22 -0.20 15.06
N GLN H 242 -36.00 -0.09 15.58
CA GLN H 242 -35.14 1.07 15.33
C GLN H 242 -34.40 0.82 14.01
N PRO H 243 -33.53 1.76 13.59
CA PRO H 243 -32.81 1.55 12.34
C PRO H 243 -31.55 0.72 12.55
N ASN H 244 -31.24 0.46 13.82
CA ASN H 244 -30.06 -0.32 14.18
C ASN H 244 -30.38 -1.23 15.36
N MET H 245 -31.64 -1.64 15.44
CA MET H 245 -32.10 -2.52 16.51
C MET H 245 -33.44 -3.16 16.15
N LEU H 246 -33.44 -4.48 16.09
CA LEU H 246 -34.65 -5.20 15.76
C LEU H 246 -35.06 -6.13 16.88
N PHE H 247 -36.36 -6.19 17.12
CA PHE H 247 -36.91 -7.04 18.16
C PHE H 247 -37.57 -8.20 17.44
N VAL H 248 -37.02 -9.39 17.66
CA VAL H 248 -37.51 -10.59 16.98
C VAL H 248 -38.09 -11.65 17.88
N GLU H 249 -39.21 -12.22 17.48
CA GLU H 249 -39.76 -13.28 18.28
C GLU H 249 -39.16 -14.58 17.74
N ILE H 250 -38.28 -15.18 18.52
CA ILE H 250 -37.66 -16.42 18.13
C ILE H 250 -38.78 -17.43 17.86
N PRO H 251 -38.74 -18.11 16.70
CA PRO H 251 -39.77 -19.09 16.33
C PRO H 251 -39.60 -20.45 17.00
N GLU H 252 -40.65 -21.27 16.97
CA GLU H 252 -40.55 -22.60 17.57
C GLU H 252 -39.79 -23.54 16.64
N TYR H 253 -38.99 -24.43 17.23
CA TYR H 253 -38.23 -25.38 16.43
C TYR H 253 -39.12 -26.49 15.84
N ARG H 254 -38.66 -27.07 14.74
CA ARG H 254 -39.39 -28.12 14.02
C ARG H 254 -39.65 -29.40 14.80
N ASN H 255 -38.74 -29.76 15.69
CA ASN H 255 -38.88 -30.97 16.50
C ASN H 255 -38.84 -30.58 17.96
N LYS H 256 -39.99 -30.67 18.62
CA LYS H 256 -40.12 -30.32 20.02
C LYS H 256 -39.73 -31.41 21.01
N HIS H 257 -39.05 -32.46 20.56
CA HIS H 257 -38.69 -33.54 21.47
C HIS H 257 -37.20 -33.75 21.61
N ILE H 258 -36.43 -32.77 21.17
CA ILE H 258 -34.98 -32.88 21.23
C ILE H 258 -34.48 -33.03 22.65
N ARG H 259 -33.57 -33.96 22.84
CA ARG H 259 -32.96 -34.22 24.15
C ARG H 259 -31.53 -33.69 24.11
N THR H 260 -31.21 -33.03 23.01
CA THR H 260 -29.87 -32.47 22.82
C THR H 260 -29.96 -31.16 22.08
N PRO H 261 -28.93 -30.32 22.21
CA PRO H 261 -28.81 -29.00 21.59
C PRO H 261 -28.77 -29.10 20.08
N VAL H 262 -29.54 -28.26 19.42
CA VAL H 262 -29.59 -28.24 17.97
C VAL H 262 -29.16 -26.86 17.44
N LYS H 263 -28.01 -26.84 16.76
CA LYS H 263 -27.44 -25.62 16.19
C LYS H 263 -28.19 -25.19 14.94
N VAL H 264 -28.49 -23.91 14.83
CA VAL H 264 -29.18 -23.39 13.64
C VAL H 264 -28.66 -22.00 13.25
N ASN H 265 -29.31 -21.38 12.27
CA ASN H 265 -28.92 -20.05 11.81
C ASN H 265 -30.17 -19.22 11.62
N PHE H 266 -29.95 -17.93 11.38
CA PHE H 266 -31.05 -17.00 11.10
C PHE H 266 -30.35 -15.80 10.47
N TYR H 267 -31.07 -15.05 9.66
CA TYR H 267 -30.49 -13.88 9.03
C TYR H 267 -31.54 -12.79 8.83
N VAL H 268 -31.05 -11.56 8.65
CA VAL H 268 -31.90 -10.40 8.42
C VAL H 268 -31.88 -10.14 6.91
N ILE H 269 -33.02 -9.80 6.33
CA ILE H 269 -33.06 -9.56 4.90
C ILE H 269 -33.76 -8.24 4.55
N ASN H 270 -33.13 -7.46 3.67
CA ASN H 270 -33.70 -6.18 3.22
C ASN H 270 -34.01 -6.32 1.74
N GLY H 271 -35.28 -6.29 1.40
CA GLY H 271 -35.64 -6.44 0.00
C GLY H 271 -35.71 -7.92 -0.27
N LYS H 272 -35.48 -8.32 -1.52
CA LYS H 272 -35.56 -9.73 -1.86
C LYS H 272 -34.19 -10.40 -1.93
N ARG H 273 -33.13 -9.62 -2.05
CA ARG H 273 -31.82 -10.26 -2.15
C ARG H 273 -30.70 -9.76 -1.25
N LYS H 274 -30.89 -8.62 -0.58
CA LYS H 274 -29.87 -8.11 0.32
C LYS H 274 -30.05 -8.66 1.73
N ARG H 275 -29.52 -9.86 1.97
CA ARG H 275 -29.62 -10.46 3.27
C ARG H 275 -28.30 -10.29 4.01
N SER H 276 -28.35 -10.45 5.32
CA SER H 276 -27.16 -10.30 6.14
C SER H 276 -26.32 -11.56 6.23
N GLN H 277 -25.27 -11.44 7.02
CA GLN H 277 -24.35 -12.51 7.28
C GLN H 277 -25.13 -13.49 8.18
N PRO H 278 -25.14 -14.79 7.82
CA PRO H 278 -25.85 -15.77 8.62
C PRO H 278 -25.40 -15.79 10.09
N GLN H 279 -26.36 -15.93 10.99
CA GLN H 279 -26.04 -15.93 12.42
C GLN H 279 -26.25 -17.29 13.07
N HIS H 280 -25.52 -17.50 14.16
CA HIS H 280 -25.61 -18.76 14.89
C HIS H 280 -26.51 -18.71 16.12
N PHE H 281 -27.47 -19.63 16.16
CA PHE H 281 -28.39 -19.71 17.28
C PHE H 281 -28.54 -21.17 17.67
N THR H 282 -28.66 -21.43 18.96
CA THR H 282 -28.84 -22.80 19.41
C THR H 282 -30.19 -22.96 20.06
N TYR H 283 -30.76 -24.15 19.92
CA TYR H 283 -32.05 -24.51 20.50
C TYR H 283 -31.81 -25.57 21.59
N HIS H 284 -32.32 -25.31 22.80
CA HIS H 284 -32.14 -26.23 23.91
C HIS H 284 -33.31 -27.14 24.29
N PRO H 285 -33.01 -28.40 24.66
CA PRO H 285 -33.96 -29.43 25.07
C PRO H 285 -34.73 -29.15 26.35
N VAL H 286 -35.73 -30.00 26.59
CA VAL H 286 -36.60 -29.93 27.77
C VAL H 286 -37.81 -29.05 27.49
#